data_6IY9
#
_entry.id   6IY9
#
_cell.length_a   151.590
_cell.length_b   151.590
_cell.length_c   151.590
_cell.angle_alpha   90.00
_cell.angle_beta   90.00
_cell.angle_gamma   90.00
#
_symmetry.space_group_name_H-M   'P 2 3'
#
loop_
_entity.id
_entity.type
_entity.pdbx_description
1 polymer "Hygromycin-B 7''-O-kinase"
2 non-polymer 'HYGROMYCIN B VARIANT'
3 non-polymer '2-[N-CYCLOHEXYLAMINO]ETHANE SULFONIC ACID'
4 non-polymer 'CITRATE ANION'
5 water water
#
_entity_poly.entity_id   1
_entity_poly.type   'polypeptide(L)'
_entity_poly.pdbx_seq_one_letter_code
;(MSE)TQESLLLLDRIDSDDSYASLRNDQEFWEPLARRALEELGLPVPPVLRVPGESTNPVLVGEPGPVIKLFGEHWCGP
ESLASESEAYAVLADAPVPVPRLLGRGELRPGTGAWPWPYLV(MSE)SR(MSE)TGTTWRSA(MSE)DGTTDRNALLALA
RELGRVLGRLHRVPLTGNTVLTPHSEVFPELLRERRAATVEDHRGWGYLSPRLLDRLEDWLPDVDTLLAGREPRFVHGDL
HGTNIFVDLAATEVTGIVDFTDVYAGDSRYSLVQLHLNAFRGDREILAALLDGAQWKRTEDFARELLAFTFLHDFEVFEE
TPLDLSGFTDPEELAQFLWGPPDTAPGALEHHHHHH
;
_entity_poly.pdbx_strand_id   A,B
#
loop_
_chem_comp.id
_chem_comp.type
_chem_comp.name
_chem_comp.formula
FLC non-polymer 'CITRATE ANION' 'C6 H5 O7 -3'
HY0 non-polymer 'HYGROMYCIN B VARIANT' 'C20 H37 N3 O13'
NHE non-polymer '2-[N-CYCLOHEXYLAMINO]ETHANE SULFONIC ACID' 'C8 H17 N O3 S'
#
# COMPACT_ATOMS: atom_id res chain seq x y z
N GLN A 3 -17.91 33.88 -29.35
CA GLN A 3 -19.11 33.71 -30.17
C GLN A 3 -19.02 32.45 -31.01
N GLU A 4 -17.81 32.12 -31.45
CA GLU A 4 -17.59 30.90 -32.21
C GLU A 4 -18.02 29.67 -31.42
N SER A 5 -17.82 29.71 -30.10
CA SER A 5 -18.12 28.57 -29.24
C SER A 5 -19.56 28.10 -29.37
N LEU A 6 -20.51 29.01 -29.60
CA LEU A 6 -21.91 28.59 -29.63
C LEU A 6 -22.17 27.62 -30.78
N LEU A 7 -21.83 28.03 -32.01
CA LEU A 7 -21.99 27.16 -33.17
C LEU A 7 -21.09 25.93 -33.07
N LEU A 8 -19.82 26.13 -32.68
CA LEU A 8 -18.90 25.00 -32.60
C LEU A 8 -19.45 23.91 -31.69
N LEU A 9 -19.86 24.28 -30.47
CA LEU A 9 -20.37 23.28 -29.55
C LEU A 9 -21.72 22.73 -29.99
N ASP A 10 -22.55 23.54 -30.65
CA ASP A 10 -23.81 23.04 -31.19
C ASP A 10 -23.58 22.04 -32.31
N ARG A 11 -22.38 22.03 -32.90
CA ARG A 11 -22.12 21.08 -33.96
C ARG A 11 -22.05 19.64 -33.47
N ILE A 12 -21.93 19.43 -32.16
CA ILE A 12 -21.95 18.09 -31.57
C ILE A 12 -23.35 17.88 -31.00
N ASP A 13 -24.13 16.98 -31.61
CA ASP A 13 -25.47 16.71 -31.11
C ASP A 13 -25.85 15.24 -31.15
N SER A 14 -24.92 14.34 -31.46
CA SER A 14 -25.20 12.91 -31.54
C SER A 14 -23.94 12.15 -31.17
N ASP A 15 -24.09 10.83 -31.02
CA ASP A 15 -22.93 9.99 -30.75
C ASP A 15 -21.96 10.02 -31.92
N ASP A 16 -22.47 9.87 -33.14
CA ASP A 16 -21.59 9.87 -34.30
C ASP A 16 -20.95 11.24 -34.50
N SER A 17 -21.69 12.31 -34.20
CA SER A 17 -21.16 13.65 -34.39
C SER A 17 -20.08 13.96 -33.37
N TYR A 18 -20.23 13.45 -32.15
CA TYR A 18 -19.19 13.65 -31.14
C TYR A 18 -17.97 12.78 -31.44
N ALA A 19 -18.18 11.60 -32.01
CA ALA A 19 -17.04 10.72 -32.27
C ALA A 19 -16.13 11.30 -33.34
N SER A 20 -16.69 12.05 -34.30
CA SER A 20 -15.91 12.59 -35.41
C SER A 20 -15.13 13.84 -35.04
N LEU A 21 -15.49 14.50 -33.94
CA LEU A 21 -14.85 15.76 -33.54
C LEU A 21 -14.21 15.71 -32.17
N ARG A 22 -14.18 14.56 -31.51
CA ARG A 22 -13.63 14.51 -30.15
C ARG A 22 -12.14 14.84 -30.17
N ASN A 23 -11.41 14.40 -31.19
CA ASN A 23 -9.97 14.67 -31.28
C ASN A 23 -9.64 15.57 -32.48
N ASP A 24 -10.58 16.42 -32.88
CA ASP A 24 -10.35 17.38 -33.96
C ASP A 24 -9.61 18.59 -33.39
N GLN A 25 -8.32 18.69 -33.69
CA GLN A 25 -7.49 19.73 -33.08
C GLN A 25 -7.91 21.12 -33.55
N GLU A 26 -8.22 21.27 -34.84
CA GLU A 26 -8.65 22.57 -35.37
C GLU A 26 -9.91 23.05 -34.67
N PHE A 27 -10.77 22.13 -34.25
CA PHE A 27 -12.02 22.49 -33.58
C PHE A 27 -11.75 22.94 -32.15
N TRP A 28 -11.00 22.14 -31.38
CA TRP A 28 -10.87 22.35 -29.94
C TRP A 28 -9.80 23.37 -29.55
N GLU A 29 -8.81 23.64 -30.41
CA GLU A 29 -7.71 24.50 -29.98
C GLU A 29 -8.16 25.88 -29.51
N PRO A 30 -8.98 26.64 -30.24
CA PRO A 30 -9.38 27.97 -29.72
C PRO A 30 -10.20 27.88 -28.45
N LEU A 31 -11.08 26.87 -28.36
CA LEU A 31 -11.84 26.67 -27.14
C LEU A 31 -10.93 26.41 -25.95
N ALA A 32 -9.91 25.57 -26.13
CA ALA A 32 -9.00 25.26 -25.03
C ALA A 32 -8.19 26.49 -24.62
N ARG A 33 -7.75 27.30 -25.59
CA ARG A 33 -7.04 28.53 -25.23
C ARG A 33 -7.93 29.49 -24.46
N ARG A 34 -9.18 29.68 -24.91
CA ARG A 34 -10.09 30.54 -24.17
C ARG A 34 -10.33 29.99 -22.76
N ALA A 35 -10.46 28.66 -22.63
CA ALA A 35 -10.63 28.04 -21.32
C ALA A 35 -9.46 28.39 -20.40
N LEU A 36 -8.24 28.23 -20.89
CA LEU A 36 -7.07 28.53 -20.06
C LEU A 36 -7.05 30.00 -19.68
N GLU A 37 -7.48 30.88 -20.59
CA GLU A 37 -7.55 32.30 -20.24
C GLU A 37 -8.60 32.54 -19.18
N GLU A 38 -9.72 31.82 -19.25
CA GLU A 38 -10.78 31.95 -18.27
C GLU A 38 -10.34 31.51 -16.89
N LEU A 39 -9.50 30.48 -16.81
CA LEU A 39 -9.01 30.06 -15.49
C LEU A 39 -7.88 30.94 -14.97
N GLY A 40 -7.46 31.94 -15.73
CA GLY A 40 -6.32 32.75 -15.34
C GLY A 40 -4.99 32.03 -15.43
N LEU A 41 -4.86 31.10 -16.36
CA LEU A 41 -3.66 30.32 -16.51
C LEU A 41 -2.91 30.76 -17.76
N PRO A 42 -1.57 30.76 -17.74
CA PRO A 42 -0.83 31.15 -18.94
C PRO A 42 -1.19 30.22 -20.10
N VAL A 43 -1.11 30.76 -21.30
CA VAL A 43 -1.49 30.04 -22.51
C VAL A 43 -0.22 29.56 -23.20
N PRO A 44 -0.07 28.26 -23.46
CA PRO A 44 1.14 27.79 -24.13
C PRO A 44 1.11 28.19 -25.60
N PRO A 45 2.27 28.45 -26.20
CA PRO A 45 2.28 28.72 -27.64
C PRO A 45 1.80 27.55 -28.47
N VAL A 46 2.09 26.32 -28.04
CA VAL A 46 1.64 25.12 -28.75
C VAL A 46 0.65 24.37 -27.85
N LEU A 47 -0.42 23.88 -28.46
CA LEU A 47 -1.48 23.17 -27.75
C LEU A 47 -2.08 22.18 -28.74
N ARG A 48 -1.91 20.88 -28.48
CA ARG A 48 -2.19 19.85 -29.47
C ARG A 48 -2.96 18.67 -28.88
N VAL A 49 -3.76 18.04 -29.74
CA VAL A 49 -4.52 16.84 -29.41
C VAL A 49 -3.59 15.64 -29.59
N PRO A 50 -3.11 15.05 -28.49
CA PRO A 50 -2.03 14.06 -28.60
C PRO A 50 -2.43 12.72 -29.22
N GLY A 51 -3.69 12.46 -29.48
CA GLY A 51 -4.05 11.23 -30.19
C GLY A 51 -5.51 10.87 -30.00
N GLU A 52 -5.79 9.57 -30.03
CA GLU A 52 -7.13 9.06 -29.77
C GLU A 52 -7.41 9.04 -28.28
N SER A 53 -8.21 9.99 -27.82
CA SER A 53 -8.71 10.03 -26.46
C SER A 53 -10.22 9.84 -26.50
N THR A 54 -10.77 9.22 -25.45
CA THR A 54 -12.22 9.07 -25.38
C THR A 54 -12.89 10.44 -25.23
N ASN A 55 -12.30 11.31 -24.43
CA ASN A 55 -12.73 12.68 -24.24
C ASN A 55 -11.78 13.63 -24.96
N PRO A 56 -12.22 14.83 -25.30
CA PRO A 56 -11.33 15.80 -25.96
C PRO A 56 -10.19 16.20 -25.03
N VAL A 57 -8.96 15.96 -25.46
CA VAL A 57 -7.76 16.25 -24.67
C VAL A 57 -6.78 17.04 -25.51
N LEU A 58 -6.20 18.08 -24.90
CA LEU A 58 -5.13 18.86 -25.53
C LEU A 58 -3.98 19.04 -24.55
N VAL A 59 -2.75 18.94 -25.04
CA VAL A 59 -1.57 19.10 -24.22
C VAL A 59 -0.84 20.37 -24.70
N GLY A 60 -0.41 21.20 -23.75
CA GLY A 60 0.48 22.27 -24.08
C GLY A 60 1.93 21.81 -24.06
N GLU A 61 2.75 22.40 -24.95
CA GLU A 61 4.11 21.88 -25.10
C GLU A 61 4.92 22.08 -23.82
N PRO A 62 4.95 23.27 -23.20
CA PRO A 62 5.36 23.32 -21.79
C PRO A 62 4.17 23.10 -20.88
N GLY A 63 2.99 23.48 -21.37
CA GLY A 63 1.84 23.75 -20.54
C GLY A 63 1.04 22.53 -20.18
N PRO A 64 -0.09 22.75 -19.51
CA PRO A 64 -0.80 21.66 -18.84
C PRO A 64 -1.61 20.79 -19.79
N VAL A 65 -2.39 19.87 -19.22
CA VAL A 65 -3.28 18.99 -19.96
C VAL A 65 -4.71 19.46 -19.72
N ILE A 66 -5.45 19.69 -20.79
CA ILE A 66 -6.85 20.09 -20.73
C ILE A 66 -7.69 18.91 -21.18
N LYS A 67 -8.60 18.46 -20.31
CA LYS A 67 -9.45 17.32 -20.57
C LYS A 67 -10.90 17.79 -20.47
N LEU A 68 -11.59 17.80 -21.61
CA LEU A 68 -12.98 18.24 -21.67
C LEU A 68 -13.90 17.04 -21.71
N PHE A 69 -15.12 17.23 -21.19
CA PHE A 69 -16.09 16.14 -21.07
C PHE A 69 -17.39 16.53 -21.77
N GLY A 70 -17.79 15.70 -22.74
CA GLY A 70 -19.03 15.89 -23.45
C GLY A 70 -20.21 15.28 -22.75
N GLU A 71 -21.35 15.30 -23.43
CA GLU A 71 -22.56 14.67 -22.92
C GLU A 71 -22.75 13.24 -23.44
N HIS A 72 -22.09 12.86 -24.53
CA HIS A 72 -22.48 11.66 -25.25
C HIS A 72 -21.71 10.43 -24.77
N TRP A 73 -20.38 10.43 -24.95
CA TRP A 73 -19.57 9.23 -24.72
C TRP A 73 -19.31 9.02 -23.24
N CYS A 74 -20.39 8.85 -22.48
CA CYS A 74 -20.31 8.58 -21.04
C CYS A 74 -19.54 9.66 -20.30
N GLY A 75 -19.42 10.84 -20.93
CA GLY A 75 -18.74 11.98 -20.37
C GLY A 75 -19.13 12.34 -18.95
N PRO A 76 -20.43 12.44 -18.65
CA PRO A 76 -20.83 12.78 -17.28
C PRO A 76 -20.35 11.77 -16.24
N GLU A 77 -20.57 10.48 -16.50
CA GLU A 77 -20.14 9.45 -15.56
C GLU A 77 -18.62 9.44 -15.41
N SER A 78 -17.89 9.56 -16.52
CA SER A 78 -16.43 9.58 -16.48
C SER A 78 -15.92 10.80 -15.71
N LEU A 79 -16.58 11.94 -15.88
CA LEU A 79 -16.18 13.15 -15.16
C LEU A 79 -16.40 12.99 -13.67
N ALA A 80 -17.57 12.46 -13.28
CA ALA A 80 -17.82 12.20 -11.87
C ALA A 80 -16.77 11.27 -11.29
N SER A 81 -16.44 10.20 -12.03
CA SER A 81 -15.44 9.24 -11.56
C SER A 81 -14.08 9.90 -11.37
N GLU A 82 -13.62 10.64 -12.38
CA GLU A 82 -12.28 11.22 -12.29
C GLU A 82 -12.21 12.32 -11.24
N SER A 83 -13.30 13.07 -11.05
CA SER A 83 -13.34 14.09 -10.00
C SER A 83 -13.25 13.46 -8.62
N GLU A 84 -14.07 12.43 -8.37
CA GLU A 84 -13.98 11.73 -7.09
C GLU A 84 -12.59 11.13 -6.89
N ALA A 85 -11.99 10.59 -7.95
CA ALA A 85 -10.68 9.98 -7.85
C ALA A 85 -9.62 11.01 -7.47
N TYR A 86 -9.64 12.18 -8.13
CA TYR A 86 -8.68 13.23 -7.78
C TYR A 86 -8.90 13.73 -6.36
N ALA A 87 -10.14 13.73 -5.87
CA ALA A 87 -10.36 14.02 -4.46
C ALA A 87 -9.70 12.97 -3.56
N VAL A 88 -9.87 11.70 -3.91
CA VAL A 88 -9.37 10.61 -3.09
C VAL A 88 -7.85 10.51 -3.15
N LEU A 89 -7.24 10.85 -4.29
CA LEU A 89 -5.80 10.70 -4.47
C LEU A 89 -4.99 11.86 -3.92
N ALA A 90 -5.61 12.75 -3.14
CA ALA A 90 -4.99 14.02 -2.76
C ALA A 90 -3.58 13.83 -2.21
N ASP A 91 -3.38 12.81 -1.36
CA ASP A 91 -2.07 12.55 -0.75
C ASP A 91 -1.63 11.12 -0.99
N ALA A 92 -1.89 10.61 -2.19
CA ALA A 92 -1.59 9.21 -2.47
C ALA A 92 -0.10 9.03 -2.72
N PRO A 93 0.51 7.93 -2.22
CA PRO A 93 1.91 7.62 -2.49
C PRO A 93 2.09 7.03 -3.89
N VAL A 94 1.47 7.66 -4.88
CA VAL A 94 1.54 7.22 -6.26
C VAL A 94 1.80 8.46 -7.11
N PRO A 95 2.62 8.39 -8.16
CA PRO A 95 2.82 9.56 -9.01
C PRO A 95 1.62 9.81 -9.92
N VAL A 96 0.78 10.77 -9.55
CA VAL A 96 -0.37 11.17 -10.36
C VAL A 96 -0.27 12.66 -10.59
N PRO A 97 -1.03 13.19 -11.56
CA PRO A 97 -1.03 14.64 -11.76
C PRO A 97 -1.82 15.36 -10.68
N ARG A 98 -1.55 16.66 -10.57
CA ARG A 98 -2.29 17.54 -9.68
C ARG A 98 -3.30 18.35 -10.48
N LEU A 99 -4.48 18.52 -9.91
CA LEU A 99 -5.52 19.35 -10.52
C LEU A 99 -5.11 20.82 -10.47
N LEU A 100 -4.92 21.43 -11.63
CA LEU A 100 -4.59 22.84 -11.71
C LEU A 100 -5.84 23.71 -11.81
N GLY A 101 -6.95 23.16 -12.27
CA GLY A 101 -8.19 23.92 -12.30
C GLY A 101 -9.30 23.12 -12.92
N ARG A 102 -10.51 23.68 -12.85
CA ARG A 102 -11.66 23.09 -13.50
C ARG A 102 -12.66 24.18 -13.81
N GLY A 103 -13.48 23.96 -14.83
CA GLY A 103 -14.44 24.96 -15.22
C GLY A 103 -15.42 24.43 -16.22
N GLU A 104 -16.18 25.35 -16.81
CA GLU A 104 -17.12 25.04 -17.88
C GLU A 104 -16.93 26.05 -19.00
N LEU A 105 -17.01 25.58 -20.24
CA LEU A 105 -16.80 26.46 -21.38
C LEU A 105 -17.90 27.50 -21.52
N ARG A 106 -19.12 27.13 -21.18
CA ARG A 106 -20.27 28.02 -21.36
C ARG A 106 -21.23 27.77 -20.22
N PRO A 107 -22.26 28.63 -20.05
CA PRO A 107 -23.10 28.55 -18.85
C PRO A 107 -23.61 27.15 -18.56
N GLY A 108 -24.35 26.58 -19.51
CA GLY A 108 -24.90 25.26 -19.31
C GLY A 108 -26.31 25.13 -18.77
N THR A 109 -27.25 25.90 -19.31
CA THR A 109 -28.66 25.72 -18.94
C THR A 109 -29.44 25.01 -20.04
N GLY A 110 -29.50 25.61 -21.23
CA GLY A 110 -30.17 24.94 -22.33
C GLY A 110 -29.25 24.04 -23.13
N ALA A 111 -27.95 24.29 -23.05
CA ALA A 111 -26.97 23.49 -23.75
C ALA A 111 -26.07 22.76 -22.76
N TRP A 112 -25.18 21.93 -23.28
CA TRP A 112 -24.22 21.23 -22.45
C TRP A 112 -23.15 22.22 -21.99
N PRO A 113 -22.82 22.26 -20.70
CA PRO A 113 -21.84 23.27 -20.23
C PRO A 113 -20.42 22.97 -20.65
N TRP A 114 -20.13 21.76 -21.11
CA TRP A 114 -18.80 21.30 -21.47
C TRP A 114 -17.83 21.58 -20.34
N PRO A 115 -17.94 20.87 -19.22
CA PRO A 115 -16.97 21.04 -18.14
C PRO A 115 -15.63 20.43 -18.52
N TYR A 116 -14.57 20.97 -17.93
CA TYR A 116 -13.21 20.56 -18.25
C TYR A 116 -12.34 20.62 -17.00
N LEU A 117 -11.35 19.73 -16.97
CA LEU A 117 -10.30 19.70 -15.95
C LEU A 117 -8.96 20.10 -16.58
N VAL A 118 -8.10 20.69 -15.76
CA VAL A 118 -6.76 21.10 -16.17
C VAL A 118 -5.76 20.58 -15.14
N MSE A 119 -4.86 19.71 -15.58
CA MSE A 119 -3.87 19.07 -14.70
C MSE A 119 -2.43 19.24 -15.17
O MSE A 119 -2.17 19.60 -16.32
CB MSE A 119 -4.15 17.57 -14.54
CG MSE A 119 -5.60 17.19 -14.42
SE MSE A 119 -6.27 16.45 -16.10
CE MSE A 119 -7.76 15.43 -15.40
N SER A 120 -1.49 18.95 -14.27
CA SER A 120 -0.08 19.03 -14.58
C SER A 120 0.32 17.92 -15.56
N ARG A 121 1.45 18.15 -16.24
CA ARG A 121 1.96 17.23 -17.23
C ARG A 121 2.97 16.27 -16.61
N MSE A 122 2.81 14.98 -16.88
CA MSE A 122 3.72 13.97 -16.35
C MSE A 122 4.98 13.86 -17.17
O MSE A 122 4.95 13.97 -18.39
CB MSE A 122 3.01 12.61 -16.28
CG MSE A 122 1.74 12.59 -15.44
SE MSE A 122 2.07 12.85 -13.52
CE MSE A 122 2.13 14.80 -13.43
N THR A 123 6.11 13.65 -16.50
CA THR A 123 7.38 13.45 -17.19
C THR A 123 7.50 12.00 -17.64
N GLY A 124 8.57 11.70 -18.36
CA GLY A 124 8.82 10.35 -18.82
C GLY A 124 8.11 10.06 -20.12
N THR A 125 8.25 8.81 -20.56
CA THR A 125 7.60 8.31 -21.75
C THR A 125 6.46 7.39 -21.34
N THR A 126 5.52 7.20 -22.26
CA THR A 126 4.47 6.21 -22.00
C THR A 126 5.12 4.84 -21.85
N TRP A 127 4.46 3.96 -21.10
CA TRP A 127 4.87 2.56 -21.09
C TRP A 127 4.92 2.02 -22.53
N ARG A 128 3.91 2.36 -23.33
CA ARG A 128 3.81 1.84 -24.70
C ARG A 128 5.05 2.20 -25.52
N SER A 129 5.47 3.47 -25.46
CA SER A 129 6.66 3.88 -26.21
C SER A 129 7.90 3.17 -25.69
N ALA A 130 8.14 3.25 -24.38
CA ALA A 130 9.34 2.65 -23.79
C ALA A 130 9.46 1.18 -24.16
N MSE A 131 8.35 0.45 -24.11
CA MSE A 131 8.39 -0.98 -24.45
C MSE A 131 8.61 -1.20 -25.93
O MSE A 131 9.30 -2.13 -26.32
CB MSE A 131 7.10 -1.68 -24.00
CG MSE A 131 7.07 -3.15 -24.40
SE MSE A 131 5.51 -4.08 -23.66
CE MSE A 131 5.71 -5.78 -24.62
N ASP A 132 8.04 -0.33 -26.77
CA ASP A 132 8.16 -0.51 -28.21
C ASP A 132 9.52 -0.09 -28.74
N GLY A 133 10.35 0.54 -27.90
CA GLY A 133 11.61 1.09 -28.34
C GLY A 133 12.82 0.42 -27.74
N THR A 134 12.60 -0.65 -26.99
CA THR A 134 13.67 -1.36 -26.33
C THR A 134 13.76 -2.79 -26.85
N THR A 135 15.00 -3.29 -26.97
CA THR A 135 15.29 -4.71 -27.02
C THR A 135 15.90 -5.17 -25.71
N ASP A 136 16.12 -4.24 -24.78
CA ASP A 136 16.71 -4.50 -23.46
C ASP A 136 15.59 -5.00 -22.57
N ARG A 137 15.41 -6.32 -22.57
CA ARG A 137 14.33 -6.93 -21.81
C ARG A 137 14.57 -6.87 -20.31
N ASN A 138 15.83 -6.86 -19.90
CA ASN A 138 16.16 -6.82 -18.47
C ASN A 138 15.71 -5.51 -17.83
N ALA A 139 16.00 -4.38 -18.50
CA ALA A 139 15.55 -3.09 -18.00
C ALA A 139 14.03 -3.02 -17.97
N LEU A 140 13.38 -3.63 -18.98
CA LEU A 140 11.92 -3.64 -19.02
C LEU A 140 11.34 -4.44 -17.85
N LEU A 141 11.94 -5.58 -17.53
CA LEU A 141 11.45 -6.38 -16.41
C LEU A 141 11.68 -5.68 -15.06
N ALA A 142 12.83 -5.04 -14.90
CA ALA A 142 13.06 -4.27 -13.67
C ALA A 142 12.04 -3.15 -13.53
N LEU A 143 11.75 -2.46 -14.64
CA LEU A 143 10.70 -1.44 -14.64
C LEU A 143 9.34 -2.04 -14.29
N ALA A 144 9.07 -3.26 -14.78
CA ALA A 144 7.79 -3.91 -14.47
C ALA A 144 7.69 -4.24 -12.99
N ARG A 145 8.79 -4.64 -12.36
CA ARG A 145 8.76 -4.88 -10.92
C ARG A 145 8.48 -3.60 -10.15
N GLU A 146 9.13 -2.50 -10.57
CA GLU A 146 8.83 -1.22 -9.96
C GLU A 146 7.35 -0.86 -10.12
N LEU A 147 6.78 -1.11 -11.30
CA LEU A 147 5.37 -0.87 -11.52
C LEU A 147 4.51 -1.77 -10.63
N GLY A 148 5.00 -2.97 -10.34
CA GLY A 148 4.28 -3.83 -9.40
C GLY A 148 4.22 -3.22 -8.01
N ARG A 149 5.34 -2.68 -7.54
CA ARG A 149 5.33 -1.97 -6.25
C ARG A 149 4.37 -0.79 -6.28
N VAL A 150 4.41 -0.01 -7.36
CA VAL A 150 3.53 1.15 -7.46
C VAL A 150 2.07 0.73 -7.46
N LEU A 151 1.72 -0.34 -8.17
CA LEU A 151 0.34 -0.81 -8.21
C LEU A 151 -0.10 -1.34 -6.85
N GLY A 152 0.81 -2.02 -6.14
CA GLY A 152 0.49 -2.44 -4.79
C GLY A 152 0.16 -1.27 -3.89
N ARG A 153 0.85 -0.15 -4.06
CA ARG A 153 0.51 1.04 -3.27
C ARG A 153 -0.78 1.68 -3.74
N LEU A 154 -1.00 1.73 -5.06
CA LEU A 154 -2.21 2.33 -5.61
C LEU A 154 -3.46 1.60 -5.12
N HIS A 155 -3.41 0.27 -5.13
CA HIS A 155 -4.56 -0.52 -4.69
C HIS A 155 -5.02 -0.16 -3.30
N ARG A 156 -4.11 0.30 -2.44
CA ARG A 156 -4.39 0.50 -1.03
C ARG A 156 -4.66 1.95 -0.66
N VAL A 157 -4.77 2.84 -1.64
CA VAL A 157 -5.20 4.21 -1.34
C VAL A 157 -6.56 4.15 -0.64
N PRO A 158 -6.72 4.79 0.51
CA PRO A 158 -7.97 4.64 1.27
C PRO A 158 -9.17 5.17 0.47
N LEU A 159 -10.27 4.44 0.56
CA LEU A 159 -11.48 4.76 -0.20
C LEU A 159 -12.32 5.76 0.58
N THR A 160 -11.94 7.04 0.42
CA THR A 160 -12.57 8.14 1.14
C THR A 160 -13.51 8.95 0.25
N GLY A 161 -13.98 8.37 -0.85
CA GLY A 161 -14.85 9.08 -1.76
C GLY A 161 -16.28 9.12 -1.26
N ASN A 162 -17.15 9.66 -2.10
CA ASN A 162 -18.57 9.81 -1.77
C ASN A 162 -19.48 8.85 -2.52
N THR A 163 -19.21 8.58 -3.80
CA THR A 163 -20.11 7.78 -4.62
C THR A 163 -19.48 6.48 -5.10
N VAL A 164 -18.36 6.54 -5.81
CA VAL A 164 -17.78 5.36 -6.44
C VAL A 164 -16.68 4.73 -5.59
N LEU A 165 -15.84 5.55 -4.97
CA LEU A 165 -14.69 5.05 -4.23
C LEU A 165 -14.97 4.98 -2.72
N THR A 166 -15.94 4.14 -2.37
CA THR A 166 -16.29 3.83 -1.00
C THR A 166 -16.26 2.32 -0.79
N PRO A 167 -15.99 1.86 0.43
CA PRO A 167 -15.93 0.40 0.66
C PRO A 167 -17.23 -0.33 0.35
N HIS A 168 -18.37 0.36 0.38
CA HIS A 168 -19.66 -0.30 0.20
C HIS A 168 -20.31 0.04 -1.13
N SER A 169 -19.59 0.68 -2.04
CA SER A 169 -20.14 0.98 -3.35
C SER A 169 -20.48 -0.32 -4.08
N GLU A 170 -21.57 -0.30 -4.83
CA GLU A 170 -22.02 -1.46 -5.60
C GLU A 170 -21.76 -1.28 -7.10
N VAL A 171 -21.07 -0.22 -7.48
CA VAL A 171 -20.87 0.08 -8.90
C VAL A 171 -20.11 -1.05 -9.58
N PHE A 172 -19.01 -1.49 -8.98
CA PHE A 172 -18.18 -2.52 -9.59
C PHE A 172 -18.89 -3.86 -9.73
N PRO A 173 -19.57 -4.40 -8.70
CA PRO A 173 -20.31 -5.65 -8.92
C PRO A 173 -21.42 -5.53 -9.95
N GLU A 174 -22.13 -4.40 -9.98
CA GLU A 174 -23.19 -4.21 -10.96
C GLU A 174 -22.62 -4.20 -12.38
N LEU A 175 -21.51 -3.49 -12.59
CA LEU A 175 -20.84 -3.52 -13.88
C LEU A 175 -20.43 -4.94 -14.25
N LEU A 176 -19.90 -5.69 -13.27
CA LEU A 176 -19.46 -7.05 -13.56
C LEU A 176 -20.63 -7.95 -13.95
N ARG A 177 -21.79 -7.78 -13.30
CA ARG A 177 -22.95 -8.58 -13.68
C ARG A 177 -23.46 -8.21 -15.07
N GLU A 178 -23.48 -6.91 -15.39
CA GLU A 178 -23.87 -6.48 -16.73
C GLU A 178 -22.96 -7.08 -17.79
N ARG A 179 -21.65 -7.02 -17.57
CA ARG A 179 -20.72 -7.60 -18.54
C ARG A 179 -20.83 -9.12 -18.57
N ARG A 180 -21.08 -9.76 -17.42
CA ARG A 180 -21.32 -11.19 -17.41
C ARG A 180 -22.50 -11.57 -18.29
N ALA A 181 -23.50 -10.70 -18.35
CA ALA A 181 -24.63 -10.95 -19.24
C ALA A 181 -24.26 -10.77 -20.71
N ALA A 182 -23.51 -9.71 -21.04
CA ALA A 182 -23.34 -9.33 -22.44
C ALA A 182 -22.06 -9.87 -23.11
N THR A 183 -21.13 -10.47 -22.36
CA THR A 183 -19.79 -10.73 -22.87
C THR A 183 -19.79 -11.76 -23.99
N VAL A 184 -20.57 -12.83 -23.88
CA VAL A 184 -20.48 -13.90 -24.87
C VAL A 184 -20.95 -13.41 -26.23
N GLU A 185 -22.06 -12.66 -26.26
CA GLU A 185 -22.50 -12.07 -27.52
C GLU A 185 -21.51 -11.02 -28.01
N ASP A 186 -20.91 -10.25 -27.10
CA ASP A 186 -19.86 -9.32 -27.51
C ASP A 186 -18.74 -10.04 -28.24
N HIS A 187 -18.26 -11.13 -27.68
CA HIS A 187 -17.12 -11.85 -28.26
C HIS A 187 -17.52 -12.61 -29.52
N ARG A 188 -18.79 -12.98 -29.64
CA ARG A 188 -19.25 -13.51 -30.92
C ARG A 188 -19.19 -12.44 -32.00
N GLY A 189 -19.61 -11.22 -31.68
CA GLY A 189 -19.54 -10.14 -32.65
C GLY A 189 -18.12 -9.72 -32.98
N TRP A 190 -17.22 -9.76 -31.99
CA TRP A 190 -15.86 -9.27 -32.19
C TRP A 190 -15.01 -10.26 -32.98
N GLY A 191 -15.17 -11.55 -32.73
CA GLY A 191 -14.47 -12.56 -33.49
C GLY A 191 -12.99 -12.69 -33.17
N TYR A 192 -12.66 -12.74 -31.88
CA TYR A 192 -11.29 -13.00 -31.46
C TYR A 192 -11.04 -14.48 -31.18
N LEU A 193 -12.10 -15.26 -30.96
CA LEU A 193 -11.98 -16.63 -30.48
C LEU A 193 -12.87 -17.55 -31.31
N SER A 194 -12.68 -18.85 -31.11
CA SER A 194 -13.42 -19.84 -31.88
C SER A 194 -14.86 -19.95 -31.39
N PRO A 195 -15.80 -20.32 -32.28
CA PRO A 195 -17.18 -20.49 -31.84
C PRO A 195 -17.37 -21.58 -30.80
N ARG A 196 -16.52 -22.61 -30.79
CA ARG A 196 -16.67 -23.67 -29.78
C ARG A 196 -16.36 -23.15 -28.39
N LEU A 197 -15.27 -22.40 -28.24
CA LEU A 197 -14.97 -21.79 -26.96
C LEU A 197 -16.08 -20.85 -26.51
N LEU A 198 -16.65 -20.09 -27.45
CA LEU A 198 -17.74 -19.19 -27.12
C LEU A 198 -18.99 -19.95 -26.69
N ASP A 199 -19.23 -21.12 -27.29
CA ASP A 199 -20.37 -21.94 -26.88
C ASP A 199 -20.15 -22.56 -25.51
N ARG A 200 -18.90 -22.88 -25.17
CA ARG A 200 -18.59 -23.37 -23.83
C ARG A 200 -18.54 -22.26 -22.79
N LEU A 201 -18.44 -21.01 -23.24
CA LEU A 201 -18.20 -19.89 -22.33
C LEU A 201 -19.31 -19.73 -21.30
N GLU A 202 -20.57 -19.67 -21.77
CA GLU A 202 -21.68 -19.34 -20.87
C GLU A 202 -21.78 -20.30 -19.71
N ASP A 203 -21.42 -21.56 -19.91
CA ASP A 203 -21.36 -22.49 -18.78
C ASP A 203 -20.03 -22.40 -18.04
N TRP A 204 -18.95 -22.04 -18.72
CA TRP A 204 -17.64 -21.97 -18.07
C TRP A 204 -17.55 -20.78 -17.12
N LEU A 205 -18.08 -19.63 -17.53
CA LEU A 205 -17.96 -18.42 -16.73
C LEU A 205 -18.69 -18.59 -15.41
N PRO A 206 -18.15 -18.06 -14.30
CA PRO A 206 -18.82 -18.21 -13.00
C PRO A 206 -19.80 -17.09 -12.70
N ASP A 207 -20.52 -17.22 -11.58
CA ASP A 207 -21.36 -16.12 -11.11
C ASP A 207 -20.51 -14.99 -10.55
N VAL A 208 -20.99 -13.76 -10.74
CA VAL A 208 -20.27 -12.59 -10.24
C VAL A 208 -20.15 -12.64 -8.72
N ASP A 209 -21.25 -12.99 -8.04
CA ASP A 209 -21.22 -13.09 -6.58
C ASP A 209 -20.23 -14.15 -6.11
N THR A 210 -20.02 -15.21 -6.91
CA THR A 210 -19.07 -16.25 -6.53
C THR A 210 -17.63 -15.78 -6.70
N LEU A 211 -17.34 -15.09 -7.82
CA LEU A 211 -16.00 -14.63 -8.08
C LEU A 211 -15.56 -13.55 -7.09
N LEU A 212 -16.49 -12.79 -6.56
CA LEU A 212 -16.18 -11.67 -5.67
C LEU A 212 -16.34 -12.01 -4.20
N ALA A 213 -16.69 -13.25 -3.87
CA ALA A 213 -16.99 -13.60 -2.49
C ALA A 213 -15.77 -13.41 -1.58
N GLY A 214 -15.98 -12.72 -0.47
CA GLY A 214 -14.95 -12.57 0.54
C GLY A 214 -13.77 -11.71 0.16
N ARG A 215 -13.82 -11.04 -0.99
CA ARG A 215 -12.71 -10.20 -1.43
C ARG A 215 -12.82 -8.79 -0.84
N GLU A 216 -11.67 -8.18 -0.58
CA GLU A 216 -11.61 -6.83 -0.02
C GLU A 216 -11.57 -5.80 -1.14
N PRO A 217 -12.20 -4.64 -0.96
CA PRO A 217 -12.17 -3.61 -2.00
C PRO A 217 -10.82 -2.90 -2.05
N ARG A 218 -10.38 -2.62 -3.27
CA ARG A 218 -9.17 -1.86 -3.54
C ARG A 218 -9.51 -0.71 -4.46
N PHE A 219 -8.61 0.27 -4.50
CA PHE A 219 -8.66 1.34 -5.49
C PHE A 219 -8.22 0.75 -6.83
N VAL A 220 -9.17 0.53 -7.73
CA VAL A 220 -8.91 -0.19 -8.97
C VAL A 220 -8.97 0.83 -10.10
N HIS A 221 -7.82 1.10 -10.71
CA HIS A 221 -7.73 1.80 -11.99
C HIS A 221 -8.08 0.81 -13.09
N GLY A 222 -9.23 1.00 -13.71
CA GLY A 222 -9.74 0.05 -14.67
C GLY A 222 -9.32 0.24 -16.11
N ASP A 223 -8.36 1.11 -16.39
CA ASP A 223 -7.94 1.39 -17.76
C ASP A 223 -6.43 1.57 -17.84
N LEU A 224 -5.68 0.66 -17.22
CA LEU A 224 -4.21 0.77 -17.19
C LEU A 224 -3.62 0.25 -18.50
N HIS A 225 -3.89 0.98 -19.59
CA HIS A 225 -3.28 0.63 -20.86
C HIS A 225 -1.92 1.32 -21.00
N GLY A 226 -1.29 1.13 -22.16
CA GLY A 226 0.12 1.47 -22.33
C GLY A 226 0.40 2.96 -22.36
N THR A 227 -0.62 3.81 -22.55
CA THR A 227 -0.42 5.25 -22.59
C THR A 227 -1.06 5.99 -21.41
N ASN A 228 -1.63 5.27 -20.44
CA ASN A 228 -1.99 5.87 -19.16
C ASN A 228 -0.89 5.73 -18.12
N ILE A 229 0.26 5.17 -18.51
CA ILE A 229 1.38 4.93 -17.61
C ILE A 229 2.60 5.60 -18.20
N PHE A 230 3.29 6.40 -17.39
CA PHE A 230 4.47 7.14 -17.82
C PHE A 230 5.66 6.66 -17.01
N VAL A 231 6.76 6.32 -17.70
CA VAL A 231 7.91 5.67 -17.11
C VAL A 231 9.19 6.35 -17.55
N ASP A 232 10.25 6.13 -16.78
CA ASP A 232 11.62 6.45 -17.16
C ASP A 232 12.38 5.13 -17.16
N LEU A 233 12.59 4.55 -18.35
CA LEU A 233 13.17 3.21 -18.42
C LEU A 233 14.60 3.18 -17.87
N ALA A 234 15.39 4.23 -18.15
CA ALA A 234 16.79 4.23 -17.74
C ALA A 234 16.93 4.27 -16.22
N ALA A 235 16.05 5.03 -15.55
CA ALA A 235 16.09 5.16 -14.10
C ALA A 235 15.25 4.12 -13.37
N THR A 236 14.60 3.21 -14.10
CA THR A 236 13.65 2.24 -13.52
C THR A 236 12.65 2.94 -12.61
N GLU A 237 11.95 3.91 -13.20
CA GLU A 237 11.04 4.76 -12.44
C GLU A 237 9.69 4.83 -13.14
N VAL A 238 8.62 4.74 -12.35
CA VAL A 238 7.27 5.06 -12.82
C VAL A 238 7.06 6.54 -12.52
N THR A 239 7.01 7.37 -13.56
CA THR A 239 6.88 8.81 -13.38
C THR A 239 5.43 9.30 -13.41
N GLY A 240 4.48 8.46 -13.80
CA GLY A 240 3.10 8.94 -13.81
C GLY A 240 2.05 7.89 -14.05
N ILE A 241 0.85 8.11 -13.52
CA ILE A 241 -0.33 7.31 -13.82
C ILE A 241 -1.52 8.27 -13.91
N VAL A 242 -2.22 8.23 -15.05
CA VAL A 242 -3.20 9.24 -15.42
C VAL A 242 -4.52 8.55 -15.81
N ASP A 243 -5.49 9.36 -16.23
CA ASP A 243 -6.82 8.90 -16.66
C ASP A 243 -7.61 8.13 -15.62
N PHE A 244 -8.26 8.83 -14.69
CA PHE A 244 -9.06 8.19 -13.66
C PHE A 244 -10.55 8.21 -13.98
N THR A 245 -10.90 8.22 -15.27
CA THR A 245 -12.30 8.19 -15.68
C THR A 245 -12.93 6.81 -15.50
N ASP A 246 -12.13 5.77 -15.31
CA ASP A 246 -12.63 4.42 -15.03
C ASP A 246 -11.90 3.93 -13.78
N VAL A 247 -12.43 4.32 -12.62
CA VAL A 247 -11.93 3.88 -11.33
C VAL A 247 -13.07 3.22 -10.57
N TYR A 248 -12.71 2.30 -9.68
CA TYR A 248 -13.72 1.59 -8.90
C TYR A 248 -13.17 1.23 -7.54
N ALA A 249 -14.08 1.04 -6.59
CA ALA A 249 -13.80 0.30 -5.36
C ALA A 249 -14.08 -1.16 -5.70
N GLY A 250 -13.05 -1.85 -6.17
CA GLY A 250 -13.27 -3.15 -6.77
C GLY A 250 -12.26 -4.22 -6.42
N ASP A 251 -12.24 -5.29 -7.22
CA ASP A 251 -11.29 -6.38 -6.98
C ASP A 251 -9.95 -6.04 -7.63
N SER A 252 -8.87 -6.29 -6.87
CA SER A 252 -7.53 -5.95 -7.35
C SER A 252 -7.20 -6.67 -8.66
N ARG A 253 -7.73 -7.88 -8.86
CA ARG A 253 -7.45 -8.62 -10.08
C ARG A 253 -7.93 -7.89 -11.34
N TYR A 254 -9.01 -7.12 -11.23
CA TYR A 254 -9.54 -6.37 -12.37
C TYR A 254 -8.49 -5.43 -12.96
N SER A 255 -7.68 -4.81 -12.11
CA SER A 255 -6.60 -3.93 -12.57
C SER A 255 -5.71 -4.63 -13.59
N LEU A 256 -5.42 -5.91 -13.38
CA LEU A 256 -4.46 -6.64 -14.20
C LEU A 256 -4.89 -6.79 -15.65
N VAL A 257 -6.20 -6.79 -15.94
CA VAL A 257 -6.68 -7.15 -17.28
C VAL A 257 -6.12 -6.19 -18.33
N GLN A 258 -6.48 -4.90 -18.23
CA GLN A 258 -5.99 -3.92 -19.22
C GLN A 258 -4.48 -3.76 -19.14
N LEU A 259 -3.90 -3.91 -17.95
CA LEU A 259 -2.45 -3.79 -17.80
C LEU A 259 -1.74 -4.86 -18.63
N HIS A 260 -2.21 -6.10 -18.55
CA HIS A 260 -1.50 -7.22 -19.16
C HIS A 260 -1.84 -7.34 -20.64
N LEU A 261 -3.12 -7.29 -20.98
CA LEU A 261 -3.54 -7.54 -22.36
C LEU A 261 -3.28 -6.36 -23.27
N ASN A 262 -3.13 -5.16 -22.73
CA ASN A 262 -2.88 -3.96 -23.54
C ASN A 262 -1.48 -3.42 -23.34
N ALA A 263 -1.10 -3.09 -22.11
CA ALA A 263 0.22 -2.50 -21.88
C ALA A 263 1.32 -3.53 -22.01
N PHE A 264 1.13 -4.72 -21.44
CA PHE A 264 2.14 -5.77 -21.52
C PHE A 264 2.05 -6.58 -22.82
N ARG A 265 1.04 -6.33 -23.65
CA ARG A 265 0.88 -7.05 -24.92
C ARG A 265 0.75 -8.56 -24.72
N GLY A 266 0.28 -8.96 -23.55
CA GLY A 266 0.11 -10.37 -23.26
C GLY A 266 1.36 -11.12 -22.90
N ASP A 267 2.48 -10.42 -22.67
CA ASP A 267 3.75 -11.06 -22.36
C ASP A 267 3.71 -11.60 -20.93
N ARG A 268 3.69 -12.92 -20.79
CA ARG A 268 3.56 -13.52 -19.47
C ARG A 268 4.81 -13.30 -18.62
N GLU A 269 5.96 -13.09 -19.25
CA GLU A 269 7.19 -12.81 -18.51
C GLU A 269 7.12 -11.43 -17.84
N ILE A 270 6.60 -10.43 -18.56
CA ILE A 270 6.43 -9.10 -17.98
C ILE A 270 5.37 -9.14 -16.88
N LEU A 271 4.30 -9.91 -17.10
CA LEU A 271 3.29 -10.08 -16.06
C LEU A 271 3.90 -10.68 -14.80
N ALA A 272 4.75 -11.70 -14.97
CA ALA A 272 5.39 -12.31 -13.82
C ALA A 272 6.29 -11.33 -13.09
N ALA A 273 7.03 -10.50 -13.83
CA ALA A 273 7.86 -9.49 -13.18
C ALA A 273 7.02 -8.50 -12.39
N LEU A 274 5.92 -8.04 -12.98
CA LEU A 274 5.01 -7.13 -12.27
C LEU A 274 4.47 -7.76 -11.00
N LEU A 275 4.04 -9.02 -11.09
CA LEU A 275 3.52 -9.70 -9.91
C LEU A 275 4.60 -9.89 -8.86
N ASP A 276 5.83 -10.21 -9.29
CA ASP A 276 6.95 -10.29 -8.36
C ASP A 276 7.16 -8.99 -7.61
N GLY A 277 7.10 -7.86 -8.32
CA GLY A 277 7.32 -6.57 -7.67
C GLY A 277 6.32 -6.30 -6.56
N ALA A 278 5.07 -6.70 -6.77
CA ALA A 278 4.00 -6.50 -5.79
C ALA A 278 3.92 -7.62 -4.77
N GLN A 279 4.79 -8.63 -4.87
CA GLN A 279 4.68 -9.87 -4.09
C GLN A 279 3.25 -10.43 -4.17
N TRP A 280 2.69 -10.40 -5.37
CA TRP A 280 1.34 -10.88 -5.65
C TRP A 280 1.45 -12.38 -5.93
N LYS A 281 1.13 -13.18 -4.92
CA LYS A 281 1.32 -14.63 -5.02
C LYS A 281 0.25 -15.26 -5.90
N ARG A 282 0.68 -16.12 -6.81
CA ARG A 282 -0.22 -16.80 -7.75
C ARG A 282 -0.85 -18.03 -7.12
N THR A 283 -2.15 -18.20 -7.33
CA THR A 283 -2.88 -19.38 -6.86
C THR A 283 -3.14 -20.33 -8.02
N GLU A 284 -3.69 -21.50 -7.69
CA GLU A 284 -3.98 -22.51 -8.71
C GLU A 284 -4.99 -22.01 -9.72
N ASP A 285 -6.06 -21.37 -9.25
CA ASP A 285 -7.11 -20.85 -10.11
C ASP A 285 -6.84 -19.43 -10.57
N PHE A 286 -5.63 -18.92 -10.37
CA PHE A 286 -5.30 -17.55 -10.74
C PHE A 286 -5.55 -17.30 -12.22
N ALA A 287 -5.08 -18.22 -13.08
CA ALA A 287 -5.27 -18.03 -14.52
C ALA A 287 -6.74 -18.07 -14.90
N ARG A 288 -7.51 -18.99 -14.31
CA ARG A 288 -8.93 -19.08 -14.65
C ARG A 288 -9.70 -17.88 -14.10
N GLU A 289 -9.38 -17.46 -12.87
CA GLU A 289 -9.99 -16.25 -12.32
C GLU A 289 -9.72 -15.05 -13.21
N LEU A 290 -8.48 -14.90 -13.69
CA LEU A 290 -8.16 -13.73 -14.50
C LEU A 290 -8.74 -13.85 -15.90
N LEU A 291 -8.95 -15.06 -16.41
CA LEU A 291 -9.71 -15.19 -17.65
C LEU A 291 -11.16 -14.75 -17.45
N ALA A 292 -11.76 -15.14 -16.32
CA ALA A 292 -13.11 -14.69 -16.01
C ALA A 292 -13.17 -13.17 -15.93
N PHE A 293 -12.19 -12.55 -15.27
CA PHE A 293 -12.15 -11.09 -15.23
C PHE A 293 -11.88 -10.49 -16.60
N THR A 294 -11.15 -11.19 -17.46
CA THR A 294 -10.98 -10.76 -18.84
C THR A 294 -12.32 -10.67 -19.55
N PHE A 295 -13.17 -11.68 -19.36
CA PHE A 295 -14.48 -11.65 -19.99
C PHE A 295 -15.41 -10.65 -19.33
N LEU A 296 -15.28 -10.42 -18.02
CA LEU A 296 -16.16 -9.49 -17.32
C LEU A 296 -15.69 -8.04 -17.39
N HIS A 297 -14.65 -7.75 -18.17
CA HIS A 297 -14.17 -6.37 -18.27
C HIS A 297 -15.13 -5.53 -19.12
N ASP A 298 -15.14 -4.22 -18.84
CA ASP A 298 -16.04 -3.32 -19.54
C ASP A 298 -15.61 -3.08 -21.00
N PHE A 299 -14.33 -3.24 -21.31
CA PHE A 299 -13.79 -2.87 -22.61
C PHE A 299 -13.48 -4.12 -23.43
N GLU A 300 -13.14 -3.92 -24.70
CA GLU A 300 -12.62 -5.01 -25.53
C GLU A 300 -11.11 -5.04 -25.36
N VAL A 301 -10.66 -5.77 -24.34
CA VAL A 301 -9.26 -5.76 -23.93
C VAL A 301 -8.36 -6.48 -24.93
N PHE A 302 -8.92 -7.35 -25.77
CA PHE A 302 -8.16 -8.05 -26.82
C PHE A 302 -7.83 -7.15 -28.01
N GLU A 303 -8.42 -5.95 -28.09
CA GLU A 303 -8.20 -5.03 -29.21
C GLU A 303 -6.73 -4.73 -29.46
N GLU A 304 -5.86 -4.91 -28.47
CA GLU A 304 -4.46 -4.55 -28.60
C GLU A 304 -3.53 -5.73 -28.36
N THR A 305 -4.06 -6.95 -28.25
CA THR A 305 -3.23 -8.10 -27.92
C THR A 305 -2.66 -8.67 -29.21
N PRO A 306 -1.34 -8.59 -29.43
CA PRO A 306 -0.74 -9.06 -30.68
C PRO A 306 -0.61 -10.58 -30.72
N LEU A 307 -1.68 -11.27 -30.35
CA LEU A 307 -1.72 -12.71 -30.27
C LEU A 307 -3.03 -13.20 -30.89
N ASP A 308 -2.91 -14.14 -31.82
CA ASP A 308 -4.10 -14.71 -32.43
C ASP A 308 -4.68 -15.75 -31.48
N LEU A 309 -5.84 -15.45 -30.90
CA LEU A 309 -6.51 -16.38 -30.00
C LEU A 309 -7.60 -17.18 -30.70
N SER A 310 -7.72 -17.03 -32.02
CA SER A 310 -8.66 -17.87 -32.76
C SER A 310 -8.17 -19.31 -32.73
N GLY A 311 -9.08 -20.23 -33.03
CA GLY A 311 -8.73 -21.63 -32.97
C GLY A 311 -8.33 -22.04 -31.56
N PHE A 312 -9.27 -21.86 -30.63
CA PHE A 312 -9.05 -22.17 -29.22
C PHE A 312 -10.29 -22.91 -28.73
N THR A 313 -10.09 -24.14 -28.29
CA THR A 313 -11.11 -24.90 -27.59
C THR A 313 -10.67 -25.09 -26.14
N ASP A 314 -11.62 -25.45 -25.28
CA ASP A 314 -11.32 -25.61 -23.85
C ASP A 314 -10.83 -24.31 -23.25
N PRO A 315 -11.73 -23.36 -22.95
CA PRO A 315 -11.32 -22.05 -22.38
C PRO A 315 -10.30 -22.15 -21.26
N GLU A 316 -10.19 -23.33 -20.64
CA GLU A 316 -9.11 -23.57 -19.68
C GLU A 316 -7.75 -23.39 -20.34
N GLU A 317 -7.59 -23.90 -21.56
CA GLU A 317 -6.33 -23.73 -22.28
C GLU A 317 -6.06 -22.27 -22.60
N LEU A 318 -7.11 -21.52 -22.98
CA LEU A 318 -6.96 -20.09 -23.22
C LEU A 318 -6.55 -19.36 -21.96
N ALA A 319 -7.12 -19.76 -20.81
CA ALA A 319 -6.75 -19.15 -19.54
C ALA A 319 -5.29 -19.41 -19.22
N GLN A 320 -4.85 -20.66 -19.37
CA GLN A 320 -3.45 -20.98 -19.13
C GLN A 320 -2.52 -20.24 -20.09
N PHE A 321 -2.97 -20.01 -21.33
CA PHE A 321 -2.13 -19.33 -22.30
C PHE A 321 -2.01 -17.84 -21.98
N LEU A 322 -3.12 -17.19 -21.64
CA LEU A 322 -3.10 -15.76 -21.40
C LEU A 322 -2.54 -15.39 -20.03
N TRP A 323 -2.93 -16.14 -19.00
CA TRP A 323 -2.65 -15.74 -17.62
C TRP A 323 -1.83 -16.76 -16.85
N GLY A 324 -1.33 -17.81 -17.52
CA GLY A 324 -0.51 -18.77 -16.86
C GLY A 324 0.84 -18.20 -16.48
N PRO A 325 1.67 -19.03 -15.85
CA PRO A 325 3.04 -18.62 -15.54
C PRO A 325 3.87 -18.55 -16.80
N PRO A 326 5.03 -17.90 -16.76
CA PRO A 326 5.91 -17.93 -17.93
C PRO A 326 6.46 -19.32 -18.17
N ASP A 327 6.74 -19.62 -19.43
CA ASP A 327 7.21 -20.93 -19.84
C ASP A 327 8.60 -21.24 -19.28
N GLU B 4 22.90 19.44 36.21
CA GLU B 4 23.04 18.66 37.44
C GLU B 4 22.28 17.34 37.30
N SER B 5 21.12 17.40 36.64
CA SER B 5 20.34 16.21 36.35
C SER B 5 21.15 15.20 35.53
N LEU B 6 22.07 15.71 34.72
CA LEU B 6 22.87 14.85 33.85
C LEU B 6 23.69 13.86 34.65
N LEU B 7 24.24 14.28 35.78
CA LEU B 7 24.97 13.35 36.65
C LEU B 7 24.06 12.20 37.08
N LEU B 8 22.84 12.54 37.49
CA LEU B 8 21.86 11.53 37.87
C LEU B 8 21.63 10.55 36.72
N LEU B 9 21.43 11.06 35.51
CA LEU B 9 21.17 10.17 34.38
C LEU B 9 22.38 9.31 34.06
N ASP B 10 23.59 9.85 34.22
CA ASP B 10 24.80 9.06 34.00
C ASP B 10 25.03 7.99 35.07
N ARG B 11 24.42 8.15 36.26
CA ARG B 11 24.55 7.13 37.31
C ARG B 11 23.82 5.82 37.02
N ILE B 12 23.23 5.63 35.86
CA ILE B 12 22.48 4.41 35.57
C ILE B 12 23.43 3.36 35.00
N ASP B 13 23.42 2.19 35.65
CA ASP B 13 24.27 1.07 35.25
C ASP B 13 23.49 -0.24 35.09
N SER B 14 22.15 -0.17 35.10
CA SER B 14 21.31 -1.34 34.88
C SER B 14 20.01 -0.90 34.22
N ASP B 15 19.26 -1.88 33.70
CA ASP B 15 17.97 -1.60 33.07
C ASP B 15 16.96 -1.06 34.08
N ASP B 16 16.93 -1.63 35.29
CA ASP B 16 15.96 -1.28 36.32
C ASP B 16 16.06 0.16 36.78
N SER B 17 17.22 0.79 36.62
CA SER B 17 17.46 2.10 37.24
C SER B 17 16.51 3.19 36.73
N TYR B 18 16.02 3.08 35.49
CA TYR B 18 15.10 4.08 34.96
C TYR B 18 13.74 4.05 35.67
N ALA B 19 13.35 2.92 36.26
CA ALA B 19 12.04 2.77 36.88
C ALA B 19 11.81 3.70 38.06
N SER B 20 12.88 4.21 38.71
CA SER B 20 12.70 4.99 39.92
C SER B 20 12.15 6.39 39.66
N LEU B 21 12.19 6.87 38.42
CA LEU B 21 11.70 8.20 38.07
C LEU B 21 10.63 8.06 37.00
N ARG B 22 9.36 8.13 37.39
CA ARG B 22 8.27 8.04 36.43
C ARG B 22 7.42 9.31 36.39
N ASN B 23 7.05 9.85 37.54
CA ASN B 23 6.26 11.07 37.60
C ASN B 23 6.99 12.17 38.32
N ASP B 24 8.32 12.15 38.28
CA ASP B 24 9.11 13.20 38.90
C ASP B 24 9.13 14.40 37.94
N GLN B 25 8.25 15.37 38.21
CA GLN B 25 8.15 16.53 37.35
C GLN B 25 9.37 17.43 37.50
N GLU B 26 9.81 17.64 38.75
CA GLU B 26 10.96 18.50 39.02
C GLU B 26 12.23 18.02 38.35
N PHE B 27 12.40 16.70 38.21
CA PHE B 27 13.60 16.16 37.58
C PHE B 27 13.56 16.33 36.07
N TRP B 28 12.48 15.90 35.43
CA TRP B 28 12.44 15.81 33.98
C TRP B 28 12.13 17.15 33.33
N GLU B 29 11.47 18.07 34.04
CA GLU B 29 11.05 19.33 33.44
C GLU B 29 12.22 20.14 32.87
N PRO B 30 13.34 20.36 33.60
CA PRO B 30 14.42 21.18 33.01
C PRO B 30 15.07 20.56 31.77
N LEU B 31 15.21 19.23 31.72
CA LEU B 31 15.76 18.59 30.53
C LEU B 31 14.90 18.88 29.32
N ALA B 32 13.58 18.71 29.47
CA ALA B 32 12.65 18.95 28.37
C ALA B 32 12.65 20.42 28.00
N ARG B 33 12.76 21.30 29.01
CA ARG B 33 12.83 22.73 28.75
C ARG B 33 14.03 23.07 27.90
N ARG B 34 15.20 22.53 28.26
CA ARG B 34 16.40 22.80 27.48
C ARG B 34 16.25 22.29 26.05
N ALA B 35 15.74 21.07 25.89
CA ALA B 35 15.58 20.53 24.54
C ALA B 35 14.65 21.39 23.69
N LEU B 36 13.46 21.68 24.21
CA LEU B 36 12.46 22.40 23.44
C LEU B 36 12.88 23.85 23.18
N GLU B 37 13.48 24.52 24.17
CA GLU B 37 13.92 25.89 23.95
C GLU B 37 15.09 25.96 22.98
N GLU B 38 16.00 24.98 23.03
CA GLU B 38 17.09 24.96 22.07
C GLU B 38 16.57 24.76 20.66
N LEU B 39 15.54 23.93 20.51
CA LEU B 39 14.94 23.71 19.19
C LEU B 39 13.93 24.79 18.80
N GLY B 40 13.66 25.76 19.67
CA GLY B 40 12.61 26.72 19.39
C GLY B 40 11.22 26.12 19.48
N LEU B 41 11.03 25.12 20.35
CA LEU B 41 9.78 24.38 20.50
C LEU B 41 9.10 24.72 21.81
N PRO B 42 7.77 24.78 21.83
CA PRO B 42 7.03 25.08 23.05
C PRO B 42 7.28 24.05 24.15
N VAL B 43 7.17 24.50 25.39
CA VAL B 43 7.42 23.67 26.56
C VAL B 43 6.07 23.29 27.16
N PRO B 44 5.80 22.00 27.39
CA PRO B 44 4.50 21.61 27.95
C PRO B 44 4.40 22.01 29.41
N PRO B 45 3.22 22.44 29.86
CA PRO B 45 3.03 22.69 31.30
C PRO B 45 3.01 21.43 32.13
N VAL B 46 2.44 20.35 31.60
CA VAL B 46 2.37 19.06 32.26
C VAL B 46 3.22 18.09 31.46
N LEU B 47 3.93 17.22 32.17
CA LEU B 47 4.89 16.31 31.54
C LEU B 47 4.99 15.04 32.37
N ARG B 48 4.68 13.90 31.75
CA ARG B 48 4.59 12.65 32.49
C ARG B 48 5.44 11.61 31.78
N VAL B 49 6.31 10.93 32.52
CA VAL B 49 7.13 9.86 31.97
C VAL B 49 6.53 8.51 32.33
N PRO B 50 5.73 7.88 31.47
CA PRO B 50 5.13 6.60 31.85
C PRO B 50 6.19 5.51 31.87
N GLY B 51 5.79 4.29 32.20
CA GLY B 51 6.67 3.15 32.08
C GLY B 51 6.53 2.49 30.72
N GLU B 52 6.73 1.17 30.71
CA GLU B 52 6.41 0.33 29.56
C GLU B 52 7.35 0.44 28.37
N SER B 53 8.29 1.39 28.38
CA SER B 53 9.19 1.52 27.25
C SER B 53 10.60 1.07 27.62
N THR B 54 11.28 0.48 26.62
CA THR B 54 12.66 0.05 26.80
C THR B 54 13.58 1.25 26.99
N ASN B 55 13.34 2.32 26.25
CA ASN B 55 14.09 3.57 26.29
C ASN B 55 13.33 4.62 27.09
N PRO B 56 14.03 5.61 27.67
CA PRO B 56 13.33 6.68 28.39
C PRO B 56 12.55 7.58 27.42
N VAL B 57 11.23 7.62 27.60
CA VAL B 57 10.34 8.44 26.78
C VAL B 57 9.44 9.25 27.71
N LEU B 58 9.24 10.53 27.38
CA LEU B 58 8.37 11.39 28.15
C LEU B 58 7.38 12.08 27.23
N VAL B 59 6.13 12.15 27.67
CA VAL B 59 5.04 12.74 26.90
C VAL B 59 4.55 14.00 27.61
N GLY B 60 4.34 15.06 26.83
CA GLY B 60 3.61 16.21 27.31
C GLY B 60 2.12 15.99 27.07
N GLU B 61 1.28 16.57 27.94
CA GLU B 61 -0.14 16.26 27.85
C GLU B 61 -0.75 16.75 26.56
N PRO B 62 -0.56 18.00 26.12
CA PRO B 62 -0.77 18.30 24.70
C PRO B 62 0.51 18.05 23.94
N GLY B 63 1.62 18.20 24.65
CA GLY B 63 2.89 18.49 24.05
C GLY B 63 3.54 17.26 23.50
N PRO B 64 4.74 17.44 22.98
CA PRO B 64 5.33 16.42 22.13
C PRO B 64 5.87 15.26 22.94
N VAL B 65 6.53 14.32 22.26
CA VAL B 65 7.20 13.21 22.90
C VAL B 65 8.69 13.42 22.76
N ILE B 66 9.40 13.40 23.88
CA ILE B 66 10.85 13.51 23.89
C ILE B 66 11.41 12.16 24.30
N LYS B 67 12.28 11.60 23.47
CA LYS B 67 12.82 10.26 23.64
C LYS B 67 14.34 10.38 23.79
N LEU B 68 14.83 9.99 24.95
CA LEU B 68 16.26 10.09 25.24
C LEU B 68 16.93 8.73 25.02
N PHE B 69 18.19 8.78 24.62
CA PHE B 69 18.97 7.60 24.30
C PHE B 69 20.24 7.59 25.13
N GLY B 70 20.48 6.50 25.83
CA GLY B 70 21.67 6.37 26.64
C GLY B 70 22.87 5.99 25.80
N GLU B 71 23.99 5.76 26.50
CA GLU B 71 25.22 5.38 25.83
C GLU B 71 25.43 3.87 25.76
N HIS B 72 24.84 3.11 26.67
CA HIS B 72 25.31 1.75 26.91
C HIS B 72 24.47 0.66 26.25
N TRP B 73 23.20 0.54 26.60
CA TRP B 73 22.53 -0.74 26.38
C TRP B 73 22.18 -0.98 24.91
N CYS B 74 21.26 -0.19 24.36
CA CYS B 74 21.01 -0.26 22.93
C CYS B 74 20.72 1.13 22.39
N GLY B 75 21.08 2.16 23.14
CA GLY B 75 20.86 3.53 22.75
C GLY B 75 21.39 3.89 21.38
N PRO B 76 22.67 3.59 21.10
CA PRO B 76 23.21 3.95 19.78
C PRO B 76 22.51 3.24 18.63
N GLU B 77 22.34 1.92 18.72
CA GLU B 77 21.71 1.15 17.66
C GLU B 77 20.24 1.56 17.47
N SER B 78 19.50 1.68 18.57
CA SER B 78 18.10 2.07 18.49
C SER B 78 17.95 3.49 17.97
N LEU B 79 18.88 4.37 18.34
CA LEU B 79 18.85 5.74 17.85
C LEU B 79 19.10 5.80 16.35
N ALA B 80 20.10 5.06 15.87
CA ALA B 80 20.36 5.00 14.44
C ALA B 80 19.15 4.46 13.69
N SER B 81 18.54 3.39 14.20
CA SER B 81 17.38 2.80 13.53
C SER B 81 16.22 3.79 13.48
N GLU B 82 15.87 4.40 14.61
CA GLU B 82 14.71 5.29 14.61
C GLU B 82 14.96 6.56 13.82
N SER B 83 16.20 7.06 13.82
CA SER B 83 16.53 8.23 13.02
C SER B 83 16.38 7.95 11.53
N GLU B 84 16.95 6.83 11.07
CA GLU B 84 16.77 6.45 9.66
C GLU B 84 15.30 6.23 9.33
N ALA B 85 14.55 5.63 10.26
CA ALA B 85 13.13 5.37 9.99
C ALA B 85 12.37 6.67 9.80
N TYR B 86 12.61 7.66 10.67
CA TYR B 86 11.93 8.93 10.49
C TYR B 86 12.37 9.64 9.21
N ALA B 87 13.62 9.44 8.79
CA ALA B 87 14.01 9.94 7.47
C ALA B 87 13.17 9.31 6.36
N VAL B 88 12.95 7.99 6.44
CA VAL B 88 12.20 7.28 5.41
C VAL B 88 10.71 7.60 5.49
N LEU B 89 10.17 7.82 6.69
CA LEU B 89 8.74 8.07 6.89
C LEU B 89 8.35 9.53 6.73
N ALA B 90 9.28 10.40 6.30
CA ALA B 90 9.08 11.85 6.41
C ALA B 90 7.75 12.30 5.83
N ASP B 91 7.35 11.78 4.69
CA ASP B 91 6.07 12.16 4.10
C ASP B 91 5.23 10.93 3.78
N ALA B 92 5.31 9.91 4.61
CA ALA B 92 4.56 8.70 4.30
C ALA B 92 3.10 8.89 4.69
N PRO B 93 2.16 8.45 3.84
CA PRO B 93 0.73 8.50 4.16
C PRO B 93 0.27 7.39 5.11
N VAL B 94 0.95 7.29 6.25
CA VAL B 94 0.63 6.28 7.26
C VAL B 94 0.52 7.01 8.60
N PRO B 95 -0.34 6.56 9.53
CA PRO B 95 -0.45 7.30 10.80
C PRO B 95 0.74 7.08 11.72
N VAL B 96 1.78 7.88 11.52
CA VAL B 96 2.99 7.87 12.34
C VAL B 96 3.25 9.29 12.82
N PRO B 97 4.09 9.47 13.82
CA PRO B 97 4.45 10.83 14.23
C PRO B 97 5.42 11.49 13.25
N ARG B 98 5.52 12.81 13.37
CA ARG B 98 6.51 13.58 12.64
C ARG B 98 7.68 13.89 13.57
N LEU B 99 8.89 13.77 13.06
CA LEU B 99 10.07 14.13 13.83
C LEU B 99 10.10 15.64 14.00
N LEU B 100 10.00 16.11 15.24
CA LEU B 100 10.00 17.53 15.53
C LEU B 100 11.39 18.09 15.82
N GLY B 101 12.35 17.25 16.19
CA GLY B 101 13.69 17.76 16.39
C GLY B 101 14.62 16.68 16.90
N ARG B 102 15.89 17.04 16.97
CA ARG B 102 16.90 16.15 17.53
C ARG B 102 18.00 17.01 18.13
N GLY B 103 18.66 16.49 19.16
CA GLY B 103 19.72 17.26 19.76
C GLY B 103 20.52 16.46 20.76
N GLU B 104 21.39 17.18 21.48
CA GLU B 104 22.20 16.58 22.52
C GLU B 104 22.15 17.43 23.77
N LEU B 105 22.02 16.78 24.93
CA LEU B 105 22.00 17.49 26.20
C LEU B 105 23.39 18.03 26.58
N ARG B 106 24.45 17.36 26.13
CA ARG B 106 25.83 17.67 26.55
C ARG B 106 26.75 17.49 25.35
N PRO B 107 26.57 18.34 24.32
CA PRO B 107 27.14 18.06 22.98
C PRO B 107 28.63 17.77 22.83
N GLY B 108 29.50 18.71 23.22
CA GLY B 108 30.91 18.55 22.88
C GLY B 108 31.89 18.44 24.02
N THR B 109 31.56 17.66 25.04
CA THR B 109 32.47 17.42 26.14
C THR B 109 33.09 16.02 26.03
N GLY B 110 33.75 15.59 27.09
CA GLY B 110 34.35 14.26 27.17
C GLY B 110 33.38 13.18 27.57
N ALA B 111 32.17 13.55 27.98
CA ALA B 111 31.17 12.62 28.46
C ALA B 111 30.10 12.43 27.39
N TRP B 112 29.12 11.60 27.71
CA TRP B 112 28.08 11.27 26.76
C TRP B 112 27.20 12.47 26.46
N PRO B 113 26.94 12.78 25.19
CA PRO B 113 26.16 13.97 24.86
C PRO B 113 24.67 13.85 25.15
N TRP B 114 24.18 12.65 25.46
CA TRP B 114 22.77 12.39 25.67
C TRP B 114 21.92 12.89 24.50
N PRO B 115 21.98 12.21 23.35
CA PRO B 115 21.13 12.59 22.22
C PRO B 115 19.68 12.26 22.48
N TYR B 116 18.80 13.03 21.84
CA TYR B 116 17.37 12.89 22.00
C TYR B 116 16.68 13.19 20.68
N LEU B 117 15.55 12.53 20.47
CA LEU B 117 14.60 12.83 19.41
C LEU B 117 13.33 13.39 20.02
N VAL B 118 12.65 14.25 19.27
CA VAL B 118 11.38 14.84 19.67
C VAL B 118 10.41 14.64 18.50
N MSE B 119 9.30 13.96 18.79
CA MSE B 119 8.27 13.70 17.79
C MSE B 119 6.90 14.17 18.27
O MSE B 119 6.72 14.48 19.45
CB MSE B 119 8.20 12.21 17.45
CG MSE B 119 9.53 11.50 17.40
SE MSE B 119 10.03 10.72 19.13
CE MSE B 119 8.54 9.46 19.33
N SER B 120 5.94 14.22 17.37
CA SER B 120 4.59 14.59 17.77
C SER B 120 3.94 13.45 18.52
N ARG B 121 2.94 13.79 19.34
CA ARG B 121 2.24 12.81 20.15
C ARG B 121 0.99 12.33 19.42
N MSE B 122 0.86 11.02 19.29
CA MSE B 122 -0.35 10.44 18.74
C MSE B 122 -1.49 10.53 19.74
O MSE B 122 -1.28 10.48 20.95
CB MSE B 122 -0.10 8.99 18.34
CG MSE B 122 1.08 8.82 17.40
SE MSE B 122 0.84 9.71 15.68
CE MSE B 122 1.50 11.51 16.06
N THR B 123 -2.70 10.71 19.21
CA THR B 123 -3.91 10.74 20.01
C THR B 123 -4.45 9.33 20.16
N GLY B 124 -5.54 9.19 20.92
CA GLY B 124 -6.16 7.91 21.14
C GLY B 124 -5.55 7.15 22.30
N THR B 125 -6.03 5.93 22.49
CA THR B 125 -5.51 5.02 23.50
C THR B 125 -4.72 3.90 22.84
N THR B 126 -3.82 3.30 23.62
CA THR B 126 -3.05 2.16 23.14
C THR B 126 -3.99 0.98 22.85
N TRP B 127 -3.57 0.15 21.89
CA TRP B 127 -4.26 -1.11 21.64
C TRP B 127 -4.37 -1.93 22.91
N ARG B 128 -3.30 -1.98 23.70
CA ARG B 128 -3.29 -2.78 24.92
C ARG B 128 -4.41 -2.36 25.86
N SER B 129 -4.59 -1.04 26.06
CA SER B 129 -5.68 -0.57 26.88
C SER B 129 -7.03 -0.89 26.25
N ALA B 130 -7.20 -0.51 24.98
CA ALA B 130 -8.48 -0.70 24.30
C ALA B 130 -8.96 -2.14 24.41
N MSE B 131 -8.14 -3.09 23.96
CA MSE B 131 -8.46 -4.50 24.07
C MSE B 131 -8.76 -4.91 25.51
O MSE B 131 -9.72 -5.64 25.77
CB MSE B 131 -7.32 -5.35 23.53
CG MSE B 131 -7.60 -6.85 23.57
SE MSE B 131 -6.14 -7.88 22.82
CE MSE B 131 -6.81 -9.67 23.18
N ASP B 132 -7.96 -4.42 26.45
CA ASP B 132 -8.14 -4.76 27.85
C ASP B 132 -9.27 -3.98 28.50
N GLY B 133 -9.86 -3.01 27.81
CA GLY B 133 -10.88 -2.19 28.45
C GLY B 133 -12.26 -2.30 27.82
N THR B 134 -12.42 -3.16 26.82
CA THR B 134 -13.67 -3.27 26.08
C THR B 134 -14.30 -4.63 26.27
N THR B 135 -15.64 -4.65 26.26
CA THR B 135 -16.42 -5.86 26.12
C THR B 135 -17.03 -6.01 24.73
N ASP B 136 -16.91 -5.00 23.87
CA ASP B 136 -17.47 -5.03 22.51
C ASP B 136 -16.46 -5.70 21.59
N ARG B 137 -16.59 -7.01 21.43
CA ARG B 137 -15.66 -7.75 20.58
C ARG B 137 -15.85 -7.43 19.10
N ASN B 138 -17.06 -7.07 18.69
CA ASN B 138 -17.27 -6.72 17.29
C ASN B 138 -16.48 -5.47 16.90
N ALA B 139 -16.53 -4.45 17.75
CA ALA B 139 -15.74 -3.25 17.50
C ALA B 139 -14.25 -3.55 17.54
N LEU B 140 -13.82 -4.47 18.41
CA LEU B 140 -12.41 -4.84 18.46
C LEU B 140 -11.98 -5.52 17.17
N LEU B 141 -12.82 -6.41 16.63
CA LEU B 141 -12.48 -7.08 15.38
C LEU B 141 -12.48 -6.11 14.20
N ALA B 142 -13.44 -5.18 14.18
CA ALA B 142 -13.45 -4.15 13.14
C ALA B 142 -12.19 -3.30 13.20
N LEU B 143 -11.76 -2.93 14.41
CA LEU B 143 -10.51 -2.22 14.58
C LEU B 143 -9.34 -3.05 14.10
N ALA B 144 -9.38 -4.37 14.31
CA ALA B 144 -8.30 -5.22 13.84
C ALA B 144 -8.24 -5.25 12.32
N ARG B 145 -9.40 -5.23 11.65
CA ARG B 145 -9.41 -5.16 10.19
C ARG B 145 -8.83 -3.84 9.68
N GLU B 146 -9.22 -2.73 10.33
CA GLU B 146 -8.64 -1.44 9.99
C GLU B 146 -7.12 -1.45 10.18
N LEU B 147 -6.66 -2.07 11.26
CA LEU B 147 -5.22 -2.22 11.50
C LEU B 147 -4.58 -3.08 10.43
N GLY B 148 -5.30 -4.06 9.89
CA GLY B 148 -4.76 -4.84 8.79
C GLY B 148 -4.52 -4.01 7.55
N ARG B 149 -5.49 -3.17 7.19
CA ARG B 149 -5.28 -2.25 6.07
C ARG B 149 -4.09 -1.33 6.32
N VAL B 150 -4.01 -0.77 7.54
CA VAL B 150 -2.93 0.16 7.88
C VAL B 150 -1.58 -0.55 7.78
N LEU B 151 -1.51 -1.79 8.24
CA LEU B 151 -0.26 -2.54 8.16
C LEU B 151 0.12 -2.82 6.71
N GLY B 152 -0.87 -3.13 5.86
CA GLY B 152 -0.59 -3.30 4.45
C GLY B 152 0.00 -2.05 3.82
N ARG B 153 -0.49 -0.87 4.22
CA ARG B 153 0.09 0.37 3.68
C ARG B 153 1.46 0.65 4.28
N LEU B 154 1.64 0.39 5.57
CA LEU B 154 2.93 0.60 6.21
C LEU B 154 4.02 -0.26 5.58
N HIS B 155 3.71 -1.52 5.31
CA HIS B 155 4.67 -2.45 4.72
C HIS B 155 5.25 -1.91 3.42
N ARG B 156 4.48 -1.10 2.69
CA ARG B 156 4.86 -0.66 1.35
C ARG B 156 5.46 0.74 1.34
N VAL B 157 5.74 1.32 2.50
CA VAL B 157 6.52 2.57 2.50
C VAL B 157 7.83 2.31 1.76
N PRO B 158 8.19 3.11 0.77
CA PRO B 158 9.39 2.80 -0.03
C PRO B 158 10.65 2.84 0.82
N LEU B 159 11.56 1.89 0.54
CA LEU B 159 12.78 1.73 1.32
C LEU B 159 13.85 2.66 0.76
N THR B 160 13.81 3.92 1.20
CA THR B 160 14.69 4.97 0.70
C THR B 160 15.80 5.33 1.68
N GLY B 161 16.09 4.46 2.65
CA GLY B 161 17.10 4.73 3.65
C GLY B 161 18.50 4.52 3.13
N ASN B 162 19.46 4.63 4.05
CA ASN B 162 20.88 4.50 3.72
C ASN B 162 21.50 3.22 4.26
N THR B 163 21.12 2.76 5.46
CA THR B 163 21.78 1.61 6.06
C THR B 163 20.86 0.42 6.26
N VAL B 164 19.75 0.56 6.99
CA VAL B 164 18.90 -0.57 7.33
C VAL B 164 17.70 -0.67 6.39
N LEU B 165 17.14 0.46 5.99
CA LEU B 165 15.91 0.49 5.20
C LEU B 165 16.21 0.71 3.71
N THR B 166 16.92 -0.24 3.12
CA THR B 166 17.19 -0.30 1.69
C THR B 166 16.78 -1.67 1.15
N PRO B 167 16.43 -1.75 -0.14
CA PRO B 167 16.07 -3.07 -0.71
C PRO B 167 17.20 -4.09 -0.64
N HIS B 168 18.45 -3.64 -0.53
CA HIS B 168 19.60 -4.55 -0.54
C HIS B 168 20.27 -4.68 0.81
N SER B 169 19.68 -4.13 1.88
CA SER B 169 20.25 -4.27 3.21
C SER B 169 20.31 -5.73 3.63
N GLU B 170 21.36 -6.09 4.35
CA GLU B 170 21.57 -7.45 4.83
C GLU B 170 21.33 -7.57 6.34
N VAL B 171 20.84 -6.51 6.98
CA VAL B 171 20.69 -6.52 8.44
C VAL B 171 19.69 -7.59 8.87
N PHE B 172 18.52 -7.62 8.22
CA PHE B 172 17.47 -8.55 8.62
C PHE B 172 17.86 -10.00 8.43
N PRO B 173 18.43 -10.44 7.29
CA PRO B 173 18.85 -11.84 7.19
C PRO B 173 19.93 -12.21 8.21
N GLU B 174 20.86 -11.30 8.50
CA GLU B 174 21.88 -11.60 9.49
C GLU B 174 21.29 -11.77 10.87
N LEU B 175 20.33 -10.92 11.24
CA LEU B 175 19.61 -11.11 12.50
C LEU B 175 18.92 -12.46 12.53
N LEU B 176 18.28 -12.83 11.41
CA LEU B 176 17.57 -14.11 11.38
C LEU B 176 18.55 -15.28 11.53
N ARG B 177 19.74 -15.16 10.95
CA ARG B 177 20.73 -16.23 11.08
C ARG B 177 21.22 -16.34 12.52
N GLU B 178 21.48 -15.20 13.17
CA GLU B 178 21.91 -15.20 14.56
C GLU B 178 20.85 -15.85 15.45
N ARG B 179 19.58 -15.48 15.26
CA ARG B 179 18.52 -16.07 16.06
C ARG B 179 18.31 -17.54 15.72
N ARG B 180 18.48 -17.91 14.45
CA ARG B 180 18.42 -19.31 14.05
C ARG B 180 19.46 -20.13 14.79
N ALA B 181 20.63 -19.53 15.02
CA ALA B 181 21.66 -20.24 15.78
C ALA B 181 21.31 -20.33 17.26
N ALA B 182 20.81 -19.25 17.86
CA ALA B 182 20.69 -19.17 19.31
C ALA B 182 19.32 -19.56 19.87
N THR B 183 18.31 -19.79 19.02
CA THR B 183 16.94 -19.87 19.49
C THR B 183 16.69 -21.09 20.37
N VAL B 184 17.29 -22.23 20.02
CA VAL B 184 17.00 -23.46 20.77
C VAL B 184 17.53 -23.36 22.20
N GLU B 185 18.76 -22.86 22.37
CA GLU B 185 19.29 -22.66 23.71
C GLU B 185 18.52 -21.56 24.45
N ASP B 186 18.10 -20.51 23.73
CA ASP B 186 17.27 -19.49 24.34
C ASP B 186 16.01 -20.09 24.94
N HIS B 187 15.32 -20.93 24.17
CA HIS B 187 14.07 -21.51 24.64
C HIS B 187 14.29 -22.59 25.70
N ARG B 188 15.46 -23.23 25.70
CA ARG B 188 15.79 -24.11 26.81
C ARG B 188 15.95 -23.32 28.10
N GLY B 189 16.65 -22.18 28.04
CA GLY B 189 16.81 -21.37 29.23
C GLY B 189 15.52 -20.72 29.69
N TRP B 190 14.66 -20.33 28.74
CA TRP B 190 13.43 -19.63 29.07
C TRP B 190 12.37 -20.57 29.65
N GLY B 191 12.25 -21.78 29.10
CA GLY B 191 11.35 -22.76 29.63
C GLY B 191 9.88 -22.51 29.33
N TYR B 192 9.56 -22.19 28.07
CA TYR B 192 8.16 -22.07 27.66
C TYR B 192 7.59 -23.37 27.08
N LEU B 193 8.45 -24.29 26.63
CA LEU B 193 8.01 -25.48 25.91
C LEU B 193 8.69 -26.71 26.46
N SER B 194 8.20 -27.88 26.04
CA SER B 194 8.67 -29.17 26.53
C SER B 194 10.03 -29.52 25.94
N PRO B 195 10.82 -30.33 26.67
CA PRO B 195 12.12 -30.76 26.11
C PRO B 195 11.98 -31.58 24.84
N ARG B 196 10.86 -32.28 24.65
CA ARG B 196 10.68 -33.07 23.44
C ARG B 196 10.58 -32.17 22.20
N LEU B 197 9.74 -31.14 22.29
CA LEU B 197 9.64 -30.17 21.19
C LEU B 197 10.98 -29.48 20.96
N LEU B 198 11.69 -29.15 22.04
CA LEU B 198 12.99 -28.48 21.88
C LEU B 198 14.02 -29.39 21.23
N ASP B 199 13.96 -30.70 21.50
CA ASP B 199 14.86 -31.64 20.84
C ASP B 199 14.50 -31.82 19.38
N ARG B 200 13.21 -31.73 19.04
CA ARG B 200 12.79 -31.79 17.64
C ARG B 200 13.03 -30.46 16.91
N LEU B 201 13.28 -29.38 17.65
CA LEU B 201 13.31 -28.04 17.06
C LEU B 201 14.38 -27.89 15.99
N GLU B 202 15.63 -28.26 16.29
CA GLU B 202 16.72 -28.00 15.36
C GLU B 202 16.50 -28.68 14.02
N ASP B 203 15.81 -29.83 14.01
CA ASP B 203 15.44 -30.45 12.75
C ASP B 203 14.21 -29.79 12.14
N TRP B 204 13.33 -29.24 12.97
CA TRP B 204 12.14 -28.57 12.44
C TRP B 204 12.49 -27.26 11.75
N LEU B 205 13.36 -26.46 12.36
CA LEU B 205 13.59 -25.10 11.86
C LEU B 205 14.22 -25.16 10.46
N PRO B 206 13.81 -24.26 9.56
CA PRO B 206 14.36 -24.27 8.21
C PRO B 206 15.60 -23.41 8.08
N ASP B 207 16.23 -23.45 6.91
CA ASP B 207 17.33 -22.54 6.64
C ASP B 207 16.81 -21.12 6.48
N VAL B 208 17.61 -20.15 6.91
CA VAL B 208 17.21 -18.75 6.76
C VAL B 208 17.05 -18.40 5.29
N ASP B 209 18.00 -18.83 4.45
CA ASP B 209 17.89 -18.57 3.02
C ASP B 209 16.66 -19.23 2.41
N THR B 210 16.25 -20.38 2.95
CA THR B 210 15.07 -21.06 2.43
C THR B 210 13.80 -20.34 2.83
N LEU B 211 13.73 -19.87 4.07
CA LEU B 211 12.52 -19.18 4.55
C LEU B 211 12.31 -17.85 3.84
N LEU B 212 13.39 -17.18 3.43
CA LEU B 212 13.31 -15.87 2.79
C LEU B 212 13.41 -15.94 1.27
N ALA B 213 13.45 -17.13 0.69
CA ALA B 213 13.65 -17.28 -0.74
C ALA B 213 12.52 -16.64 -1.53
N GLY B 214 12.88 -15.84 -2.53
CA GLY B 214 11.90 -15.25 -3.43
C GLY B 214 11.01 -14.20 -2.83
N ARG B 215 11.26 -13.78 -1.59
CA ARG B 215 10.45 -12.77 -0.93
C ARG B 215 10.95 -11.37 -1.24
N GLU B 216 10.02 -10.43 -1.32
CA GLU B 216 10.31 -9.03 -1.53
C GLU B 216 10.47 -8.31 -0.19
N PRO B 217 11.36 -7.32 -0.11
CA PRO B 217 11.52 -6.58 1.15
C PRO B 217 10.35 -5.64 1.41
N ARG B 218 9.96 -5.54 2.69
CA ARG B 218 8.95 -4.61 3.14
C ARG B 218 9.52 -3.77 4.29
N PHE B 219 8.87 -2.64 4.55
CA PHE B 219 9.13 -1.84 5.74
C PHE B 219 8.53 -2.55 6.94
N VAL B 220 9.37 -3.17 7.76
CA VAL B 220 8.93 -4.08 8.82
C VAL B 220 9.16 -3.42 10.16
N HIS B 221 8.07 -3.08 10.85
CA HIS B 221 8.12 -2.71 12.26
C HIS B 221 8.21 -4.01 13.06
N GLY B 222 9.36 -4.27 13.67
CA GLY B 222 9.57 -5.52 14.36
C GLY B 222 9.18 -5.54 15.82
N ASP B 223 8.48 -4.53 16.30
CA ASP B 223 8.12 -4.43 17.72
C ASP B 223 6.69 -3.90 17.90
N LEU B 224 5.75 -4.43 17.12
CA LEU B 224 4.36 -3.98 17.16
C LEU B 224 3.60 -4.63 18.32
N HIS B 225 3.97 -4.25 19.54
CA HIS B 225 3.20 -4.69 20.69
C HIS B 225 2.05 -3.72 20.96
N GLY B 226 1.29 -3.98 22.02
CA GLY B 226 -0.01 -3.36 22.21
C GLY B 226 0.03 -1.88 22.54
N THR B 227 1.18 -1.36 22.95
CA THR B 227 1.30 0.06 23.30
C THR B 227 2.16 0.83 22.32
N ASN B 228 2.62 0.22 21.24
CA ASN B 228 3.19 0.95 20.15
C ASN B 228 2.15 1.30 19.11
N ILE B 229 0.89 0.96 19.38
CA ILE B 229 -0.23 1.15 18.46
C ILE B 229 -1.29 1.94 19.20
N PHE B 230 -1.73 3.04 18.60
CA PHE B 230 -2.74 3.92 19.20
C PHE B 230 -3.98 3.90 18.32
N VAL B 231 -5.14 3.71 18.96
CA VAL B 231 -6.38 3.47 18.24
C VAL B 231 -7.49 4.34 18.85
N ASP B 232 -8.54 4.53 18.06
CA ASP B 232 -9.80 5.10 18.52
C ASP B 232 -10.84 4.01 18.30
N LEU B 233 -11.19 3.29 19.36
CA LEU B 233 -12.07 2.13 19.23
C LEU B 233 -13.45 2.53 18.71
N ALA B 234 -13.97 3.67 19.15
CA ALA B 234 -15.31 4.07 18.74
C ALA B 234 -15.37 4.41 17.26
N ALA B 235 -14.34 5.07 16.74
CA ALA B 235 -14.32 5.47 15.34
C ALA B 235 -13.69 4.40 14.44
N THR B 236 -13.23 3.29 14.99
CA THR B 236 -12.51 2.25 14.25
C THR B 236 -11.38 2.88 13.43
N GLU B 237 -10.48 3.55 14.14
CA GLU B 237 -9.37 4.29 13.54
C GLU B 237 -8.07 3.90 14.21
N VAL B 238 -7.03 3.73 13.41
CA VAL B 238 -5.67 3.60 13.91
C VAL B 238 -5.07 5.01 13.92
N THR B 239 -4.87 5.55 15.12
CA THR B 239 -4.37 6.92 15.24
C THR B 239 -2.85 7.00 15.34
N GLY B 240 -2.15 5.87 15.55
CA GLY B 240 -0.71 5.96 15.62
C GLY B 240 0.10 4.68 15.68
N ILE B 241 1.33 4.75 15.16
CA ILE B 241 2.34 3.69 15.27
C ILE B 241 3.66 4.41 15.51
N VAL B 242 4.36 4.08 16.60
CA VAL B 242 5.35 5.03 17.11
C VAL B 242 6.79 4.58 17.35
N ASP B 243 7.03 3.31 17.64
CA ASP B 243 8.37 2.87 18.10
C ASP B 243 9.16 2.23 16.96
N PHE B 244 9.98 3.05 16.30
CA PHE B 244 10.77 2.56 15.16
C PHE B 244 12.22 2.26 15.52
N THR B 245 12.48 1.90 16.78
CA THR B 245 13.84 1.52 17.18
C THR B 245 14.21 0.13 16.68
N ASP B 246 13.24 -0.68 16.27
CA ASP B 246 13.48 -2.00 15.68
C ASP B 246 12.68 -2.07 14.37
N VAL B 247 13.27 -1.51 13.32
CA VAL B 247 12.68 -1.54 11.99
C VAL B 247 13.66 -2.27 11.08
N TYR B 248 13.12 -2.85 10.02
CA TYR B 248 13.98 -3.60 9.10
C TYR B 248 13.42 -3.47 7.68
N ALA B 249 14.32 -3.68 6.72
CA ALA B 249 13.92 -4.04 5.35
C ALA B 249 13.82 -5.56 5.38
N GLY B 250 12.63 -6.06 5.69
CA GLY B 250 12.50 -7.47 5.97
C GLY B 250 11.26 -8.15 5.43
N ASP B 251 10.99 -9.35 5.95
CA ASP B 251 9.79 -10.11 5.58
C ASP B 251 8.63 -9.65 6.46
N SER B 252 7.46 -9.44 5.82
CA SER B 252 6.27 -8.95 6.52
C SER B 252 5.80 -9.89 7.64
N ARG B 253 6.04 -11.20 7.46
CA ARG B 253 5.63 -12.16 8.49
C ARG B 253 6.28 -11.85 9.83
N TYR B 254 7.50 -11.30 9.79
CA TYR B 254 8.16 -10.89 11.01
C TYR B 254 7.33 -9.85 11.76
N SER B 255 6.71 -8.91 11.03
CA SER B 255 5.80 -7.97 11.66
C SER B 255 4.68 -8.71 12.37
N LEU B 256 4.10 -9.71 11.69
CA LEU B 256 2.97 -10.41 12.30
C LEU B 256 3.36 -11.10 13.61
N VAL B 257 4.62 -11.53 13.73
CA VAL B 257 5.01 -12.33 14.90
C VAL B 257 4.74 -11.57 16.19
N GLN B 258 5.44 -10.44 16.37
CA GLN B 258 5.26 -9.64 17.58
C GLN B 258 3.88 -9.02 17.64
N LEU B 259 3.24 -8.72 16.50
CA LEU B 259 1.88 -8.19 16.58
C LEU B 259 0.93 -9.20 17.23
N HIS B 260 1.03 -10.47 16.84
CA HIS B 260 0.05 -11.47 17.27
C HIS B 260 0.36 -12.02 18.65
N LEU B 261 1.62 -12.37 18.91
CA LEU B 261 1.91 -13.05 20.17
C LEU B 261 1.94 -12.13 21.38
N ASN B 262 2.12 -10.82 21.19
CA ASN B 262 2.18 -9.89 22.30
C ASN B 262 0.98 -8.96 22.35
N ALA B 263 0.69 -8.24 21.26
CA ALA B 263 -0.42 -7.29 21.28
C ALA B 263 -1.77 -8.01 21.26
N PHE B 264 -1.91 -9.03 20.42
CA PHE B 264 -3.16 -9.77 20.33
C PHE B 264 -3.28 -10.85 21.39
N ARG B 265 -2.23 -11.08 22.19
CA ARG B 265 -2.22 -12.09 23.25
C ARG B 265 -2.47 -13.50 22.70
N GLY B 266 -2.13 -13.73 21.43
CA GLY B 266 -2.31 -15.03 20.81
C GLY B 266 -3.72 -15.34 20.35
N ASP B 267 -4.60 -14.35 20.30
CA ASP B 267 -5.99 -14.56 19.91
C ASP B 267 -6.05 -14.80 18.40
N ARG B 268 -6.38 -16.03 18.00
CA ARG B 268 -6.42 -16.36 16.58
C ARG B 268 -7.58 -15.70 15.85
N GLU B 269 -8.65 -15.35 16.56
CA GLU B 269 -9.76 -14.64 15.93
C GLU B 269 -9.36 -13.22 15.55
N ILE B 270 -8.64 -12.53 16.44
CA ILE B 270 -8.15 -11.20 16.13
C ILE B 270 -7.11 -11.26 15.03
N LEU B 271 -6.24 -12.27 15.06
CA LEU B 271 -5.27 -12.46 13.98
C LEU B 271 -5.98 -12.65 12.65
N ALA B 272 -7.04 -13.46 12.63
CA ALA B 272 -7.81 -13.67 11.41
C ALA B 272 -8.44 -12.39 10.92
N ALA B 273 -8.98 -11.57 11.83
CA ALA B 273 -9.56 -10.29 11.44
C ALA B 273 -8.51 -9.38 10.83
N LEU B 274 -7.34 -9.29 11.47
CA LEU B 274 -6.25 -8.47 10.94
C LEU B 274 -5.85 -8.92 9.54
N LEU B 275 -5.71 -10.23 9.35
CA LEU B 275 -5.34 -10.75 8.03
C LEU B 275 -6.44 -10.47 7.01
N ASP B 276 -7.71 -10.58 7.43
CA ASP B 276 -8.82 -10.25 6.55
C ASP B 276 -8.75 -8.81 6.08
N GLY B 277 -8.42 -7.88 7.00
CA GLY B 277 -8.37 -6.49 6.61
C GLY B 277 -7.33 -6.21 5.55
N ALA B 278 -6.19 -6.89 5.62
CA ALA B 278 -5.10 -6.72 4.67
C ALA B 278 -5.26 -7.57 3.42
N GLN B 279 -6.33 -8.34 3.31
CA GLN B 279 -6.47 -9.38 2.27
C GLN B 279 -5.21 -10.22 2.18
N TRP B 280 -4.66 -10.56 3.35
CA TRP B 280 -3.46 -11.37 3.48
C TRP B 280 -3.89 -12.83 3.45
N LYS B 281 -3.78 -13.46 2.29
CA LYS B 281 -4.32 -14.80 2.12
C LYS B 281 -3.43 -15.82 2.83
N ARG B 282 -4.08 -16.72 3.57
CA ARG B 282 -3.36 -17.75 4.32
C ARG B 282 -3.05 -18.93 3.40
N THR B 283 -1.81 -19.41 3.46
CA THR B 283 -1.39 -20.55 2.66
C THR B 283 -1.33 -21.80 3.54
N GLU B 284 -1.05 -22.94 2.89
CA GLU B 284 -1.02 -24.21 3.61
C GLU B 284 0.05 -24.21 4.70
N ASP B 285 1.25 -23.74 4.36
CA ASP B 285 2.36 -23.69 5.30
C ASP B 285 2.43 -22.38 6.06
N PHE B 286 1.37 -21.57 5.99
CA PHE B 286 1.38 -20.25 6.64
C PHE B 286 1.67 -20.36 8.13
N ALA B 287 0.97 -21.28 8.82
CA ALA B 287 1.17 -21.43 10.25
C ALA B 287 2.59 -21.89 10.58
N ARG B 288 3.14 -22.82 9.78
CA ARG B 288 4.49 -23.30 10.03
C ARG B 288 5.53 -22.23 9.72
N GLU B 289 5.33 -21.48 8.63
CA GLU B 289 6.21 -20.36 8.32
C GLU B 289 6.23 -19.36 9.47
N LEU B 290 5.07 -19.03 10.01
CA LEU B 290 5.02 -18.04 11.08
C LEU B 290 5.54 -18.59 12.39
N LEU B 291 5.44 -19.91 12.60
CA LEU B 291 6.13 -20.49 13.76
C LEU B 291 7.64 -20.38 13.60
N ALA B 292 8.14 -20.62 12.39
CA ALA B 292 9.57 -20.45 12.14
C ALA B 292 10.00 -19.02 12.43
N PHE B 293 9.22 -18.05 11.98
CA PHE B 293 9.54 -16.66 12.30
C PHE B 293 9.40 -16.37 13.79
N THR B 294 8.48 -17.06 14.46
CA THR B 294 8.35 -16.94 15.92
C THR B 294 9.63 -17.34 16.61
N PHE B 295 10.24 -18.45 16.18
CA PHE B 295 11.49 -18.86 16.80
C PHE B 295 12.65 -17.98 16.36
N LEU B 296 12.62 -17.46 15.14
CA LEU B 296 13.70 -16.62 14.62
C LEU B 296 13.55 -15.16 14.98
N HIS B 297 12.59 -14.81 15.83
CA HIS B 297 12.41 -13.41 16.21
C HIS B 297 13.51 -12.96 17.15
N ASP B 298 13.80 -11.65 17.11
CA ASP B 298 14.87 -11.08 17.93
C ASP B 298 14.52 -11.06 19.42
N PHE B 299 13.24 -11.08 19.77
CA PHE B 299 12.78 -10.87 21.14
C PHE B 299 12.30 -12.18 21.76
N GLU B 300 11.97 -12.09 23.05
CA GLU B 300 11.29 -13.17 23.76
C GLU B 300 9.79 -12.98 23.54
N VAL B 301 9.34 -13.47 22.38
CA VAL B 301 7.98 -13.19 21.92
C VAL B 301 6.93 -13.96 22.71
N PHE B 302 7.29 -15.08 23.34
CA PHE B 302 6.32 -15.78 24.16
C PHE B 302 6.05 -15.07 25.48
N GLU B 303 6.93 -14.16 25.87
CA GLU B 303 6.67 -13.33 27.04
C GLU B 303 5.39 -12.53 26.81
N GLU B 304 4.52 -12.49 27.82
CA GLU B 304 3.21 -11.85 27.81
C GLU B 304 2.15 -12.63 27.02
N THR B 305 2.46 -13.84 26.54
CA THR B 305 1.49 -14.64 25.82
C THR B 305 0.72 -15.52 26.81
N PRO B 306 -0.59 -15.28 27.04
CA PRO B 306 -1.36 -16.00 28.06
C PRO B 306 -1.81 -17.40 27.65
N LEU B 307 -0.89 -18.18 27.10
CA LEU B 307 -1.18 -19.55 26.65
C LEU B 307 -0.03 -20.45 27.08
N ASP B 308 -0.36 -21.56 27.73
CA ASP B 308 0.65 -22.50 28.19
C ASP B 308 1.08 -23.40 27.04
N LEU B 309 2.32 -23.23 26.58
CA LEU B 309 2.91 -24.04 25.54
C LEU B 309 3.86 -25.11 26.09
N SER B 310 3.87 -25.30 27.41
CA SER B 310 4.73 -26.32 28.00
C SER B 310 4.34 -27.73 27.58
N GLY B 311 3.03 -28.03 27.60
CA GLY B 311 2.59 -29.36 27.22
C GLY B 311 2.44 -29.50 25.73
N PHE B 312 3.53 -29.34 24.99
CA PHE B 312 3.49 -29.35 23.54
C PHE B 312 4.64 -30.17 22.99
N THR B 313 4.33 -31.24 22.27
CA THR B 313 5.28 -32.00 21.46
C THR B 313 4.90 -31.84 20.00
N ASP B 314 5.84 -32.18 19.10
CA ASP B 314 5.61 -32.05 17.66
C ASP B 314 5.32 -30.60 17.26
N PRO B 315 6.35 -29.75 17.16
CA PRO B 315 6.15 -28.33 16.85
C PRO B 315 5.19 -28.01 15.70
N GLU B 316 4.87 -28.98 14.83
CA GLU B 316 3.83 -28.76 13.83
C GLU B 316 2.50 -28.44 14.50
N GLU B 317 2.14 -29.19 15.55
CA GLU B 317 0.91 -28.92 16.26
C GLU B 317 0.96 -27.57 16.97
N LEU B 318 2.12 -27.20 17.50
CA LEU B 318 2.28 -25.88 18.10
C LEU B 318 2.06 -24.78 17.06
N ALA B 319 2.56 -24.99 15.84
CA ALA B 319 2.35 -24.02 14.77
C ALA B 319 0.87 -23.89 14.44
N GLN B 320 0.18 -25.02 14.32
CA GLN B 320 -1.25 -24.98 14.08
C GLN B 320 -2.01 -24.30 15.23
N PHE B 321 -1.52 -24.47 16.46
CA PHE B 321 -2.20 -23.88 17.61
C PHE B 321 -2.02 -22.37 17.65
N LEU B 322 -0.80 -21.90 17.43
CA LEU B 322 -0.52 -20.48 17.56
C LEU B 322 -0.99 -19.69 16.34
N TRP B 323 -0.80 -20.24 15.14
CA TRP B 323 -0.99 -19.46 13.92
C TRP B 323 -2.06 -20.01 12.99
N GLY B 324 -2.78 -21.06 13.39
CA GLY B 324 -3.83 -21.60 12.58
C GLY B 324 -5.03 -20.66 12.52
N PRO B 325 -6.04 -21.04 11.74
CA PRO B 325 -7.27 -20.25 11.69
C PRO B 325 -8.08 -20.44 12.96
N PRO B 326 -9.01 -19.55 13.25
CA PRO B 326 -9.93 -19.77 14.36
C PRO B 326 -10.90 -20.89 14.05
N ASP B 327 -11.34 -21.59 15.10
CA ASP B 327 -12.24 -22.71 14.91
C ASP B 327 -13.61 -22.23 14.43
C1 HY0 C . -16.29 5.06 -20.23
C2 HY0 C . -16.98 5.40 -18.91
C3 HY0 C . -17.50 4.15 -18.21
C4 HY0 C . -18.45 3.35 -19.10
C5 HY0 C . -17.79 3.03 -20.43
C6 HY0 C . -17.26 4.30 -21.12
N7 HY0 C . -16.03 6.11 -18.00
O8 HY0 C . -15.86 6.25 -20.87
N9 HY0 C . -18.88 2.11 -18.44
C10 HY0 C . -19.52 2.31 -17.15
O11 HY0 C . -18.71 2.38 -21.30
C12 HY0 C . -15.59 4.24 -24.42
C13 HY0 C . -16.66 4.69 -23.45
O14 HY0 C . -17.97 4.68 -23.99
C15 HY0 C . -18.10 5.44 -25.20
C16 HY0 C . -17.27 4.73 -26.26
C17 HY0 C . -15.80 4.66 -25.87
O18 HY0 C . -16.58 3.87 -22.31
C19 HY0 C . -19.56 5.49 -25.54
O20 HY0 C . -20.33 6.10 -24.51
O21 HY0 C . -17.77 3.40 -26.40
O22 HY0 C . -15.20 3.60 -26.61
C23 HY0 C . -14.80 2.60 -25.70
C24 HY0 C . -15.05 1.20 -26.28
C25 HY0 C . -14.45 0.12 -25.39
C26 HY0 C . -12.98 0.41 -25.12
C27 HY0 C . -12.85 1.80 -24.52
O28 HY0 C . -13.41 2.79 -25.41
O29 HY0 C . -15.56 2.81 -24.55
O30 HY0 C . -16.47 0.99 -26.44
O31 HY0 C . -14.61 -1.17 -26.01
O32 HY0 C . -12.25 0.34 -26.33
C33 HY0 C . -11.38 2.17 -24.31
C34 HY0 C . -11.25 3.57 -23.71
O35 HY0 C . -9.90 3.91 -23.45
N36 HY0 C . -10.55 2.10 -25.56
C3' NHE D . -2.43 11.38 -20.90
C2' NHE D . -3.48 10.39 -21.43
C1' NHE D . -4.65 11.14 -22.06
C6' NHE D . -4.13 12.03 -23.19
N NHE D . -5.61 10.19 -22.59
C1 NHE D . -6.56 9.52 -21.73
C2 NHE D . -7.84 10.33 -21.54
S NHE D . -9.17 9.37 -21.86
O1 NHE D . -9.91 9.94 -22.94
O2 NHE D . -10.01 9.31 -20.69
O3 NHE D . -8.67 7.86 -22.24
C5' NHE D . -3.08 13.01 -22.68
C4' NHE D . -1.92 12.27 -22.03
CAC FLC E . -2.12 -6.43 -4.18
CA FLC E . -2.93 -7.60 -4.69
CB FLC E . -3.40 -8.57 -3.59
CBC FLC E . -4.26 -7.80 -2.55
CG FLC E . -4.25 -9.68 -4.22
CGC FLC E . -4.80 -10.70 -3.25
OA1 FLC E . -1.23 -6.66 -3.35
OA2 FLC E . -2.36 -5.29 -4.64
OB1 FLC E . -3.94 -7.90 -1.35
OB2 FLC E . -5.22 -7.12 -2.99
OG1 FLC E . -4.33 -10.73 -2.08
OG2 FLC E . -5.70 -11.46 -3.65
OHB FLC E . -2.27 -9.13 -2.97
C1 HY0 F . 16.59 -3.68 20.73
C2 HY0 F . 17.65 -3.26 19.73
C3 HY0 F . 18.04 -4.42 18.81
C4 HY0 F . 18.53 -5.63 19.59
C5 HY0 F . 17.49 -6.05 20.64
C6 HY0 F . 17.11 -4.87 21.54
N7 HY0 F . 17.16 -2.12 18.90
O8 HY0 F . 16.30 -2.58 21.59
N9 HY0 F . 18.81 -6.74 18.68
C10 HY0 F . 19.77 -6.43 17.65
O11 HY0 F . 18.02 -7.11 21.43
C12 HY0 F . 14.83 -5.04 24.46
C13 HY0 F . 16.16 -4.80 23.75
O14 HY0 F . 17.28 -5.39 24.41
C15 HY0 F . 17.41 -4.98 25.79
C16 HY0 F . 16.20 -5.52 26.55
C17 HY0 F . 14.90 -4.97 25.98
O18 HY0 F . 16.06 -5.31 22.44
C19 HY0 F . 18.71 -5.53 26.28
O20 HY0 F . 19.82 -5.03 25.52
O21 HY0 F . 16.20 -6.95 26.43
O22 HY0 F . 13.86 -5.86 26.40
C23 HY0 F . 13.31 -6.47 25.25
C24 HY0 F . 12.98 -7.94 25.54
C25 HY0 F . 12.18 -8.57 24.40
C26 HY0 F . 10.96 -7.73 24.06
C27 HY0 F . 11.41 -6.29 23.77
O28 HY0 F . 12.14 -5.74 24.88
O29 HY0 F . 14.29 -6.35 24.26
O30 HY0 F . 14.19 -8.67 25.77
O31 HY0 F . 11.79 -9.90 24.74
O32 HY0 F . 10.06 -7.73 25.15
C33 HY0 F . 10.21 -5.38 23.50
C34 HY0 F . 10.67 -3.95 23.25
O35 HY0 F . 9.60 -3.10 22.93
N36 HY0 F . 9.18 -5.36 24.58
CAC FLC G . 0.90 -7.41 2.91
CA FLC G . 1.30 -8.85 3.21
CB FLC G . 1.68 -9.68 1.98
CBC FLC G . 2.85 -8.98 1.23
CG FLC G . 2.13 -11.07 2.44
CGC FLC G . 2.62 -11.99 1.35
OA1 FLC G . 1.47 -6.50 3.55
OA2 FLC G . 0.05 -7.22 2.03
OB1 FLC G . 3.95 -8.90 1.81
OB2 FLC G . 2.61 -8.55 0.09
OG1 FLC G . 3.30 -12.97 1.69
OG2 FLC G . 2.33 -11.72 0.15
OHB FLC G . 0.56 -9.79 1.13
C3' NHE H . -2.94 9.16 6.52
C2' NHE H . -1.68 9.98 6.33
C1' NHE H . -1.47 10.99 7.46
C6' NHE H . -1.50 10.27 8.81
N NHE H . -0.21 11.69 7.28
C1 NHE H . 0.91 11.51 8.19
C2 NHE H . 1.93 12.62 8.02
S NHE H . 3.34 12.23 8.79
O1 NHE H . 3.05 11.47 9.98
O2 NHE H . 4.05 13.43 9.17
O3 NHE H . 4.25 11.31 7.80
C5' NHE H . -2.79 9.48 8.99
C4' NHE H . -2.92 8.45 7.86
#